data_3PU2
#
_entry.id   3PU2
#
_cell.length_a   75.214
_cell.length_b   35.856
_cell.length_c   230.468
_cell.angle_alpha   90.000
_cell.angle_beta   98.980
_cell.angle_gamma   90.000
#
_symmetry.space_group_name_H-M   'P 1 2 1'
#
loop_
_entity.id
_entity.type
_entity.pdbx_description
1 polymer 'uncharacterized protein'
2 water water
#
_entity_poly.entity_id   1
_entity_poly.type   'polypeptide(L)'
_entity_poly.pdbx_seq_one_letter_code
;(MSE)ADEIQIGPGSATRLEFRRHFAATPEQLWAALTSPALLPAWLFARGWP(MSE)TECVFEPHKGGLIRQVWTGPEGR
TRGLTGRVILAEPPHRLIHSELYDEDWTGGETLVTLQLLPVEGGTELA(MSE)AVDYATPEARDAVAASA(MSE)ATE
(MSE)EEAYRHLDV(MSE)LAALEHHHHHH
;
_entity_poly.pdbx_strand_id   A,B,C,D,E,F,G,H
#
# COMPACT_ATOMS: atom_id res chain seq x y z
N GLU A 4 19.33 -9.46 23.90
CA GLU A 4 19.01 -9.99 22.54
C GLU A 4 19.55 -11.41 22.36
N ILE A 5 19.38 -11.96 21.16
CA ILE A 5 19.79 -13.32 20.85
C ILE A 5 21.29 -13.62 20.77
N GLN A 6 21.74 -14.52 21.62
CA GLN A 6 23.15 -14.91 21.68
C GLN A 6 23.43 -16.26 21.03
N ILE A 7 24.41 -16.28 20.13
CA ILE A 7 24.82 -17.50 19.48
C ILE A 7 25.73 -18.20 20.49
N GLY A 8 25.57 -19.52 20.63
CA GLY A 8 26.40 -20.26 21.57
C GLY A 8 27.56 -20.91 20.83
N PRO A 9 28.48 -21.57 21.55
CA PRO A 9 29.62 -22.22 20.89
C PRO A 9 29.22 -23.46 20.08
N GLY A 10 28.42 -24.34 20.68
CA GLY A 10 27.96 -25.54 19.99
C GLY A 10 29.03 -26.55 19.64
N SER A 11 29.08 -26.95 18.36
CA SER A 11 30.06 -27.92 17.88
C SER A 11 29.97 -28.11 16.37
N ALA A 12 30.70 -29.09 15.86
CA ALA A 12 30.75 -29.37 14.42
C ALA A 12 29.41 -29.78 13.82
N THR A 13 28.47 -30.20 14.65
CA THR A 13 27.16 -30.61 14.16
C THR A 13 26.06 -30.11 15.08
N ARG A 14 26.37 -29.09 15.89
CA ARG A 14 25.38 -28.58 16.84
C ARG A 14 25.35 -27.05 16.89
N LEU A 15 24.15 -26.47 16.86
CA LEU A 15 24.01 -25.01 16.93
C LEU A 15 23.24 -24.64 18.18
N GLU A 16 23.71 -23.64 18.88
CA GLU A 16 23.07 -23.21 20.12
C GLU A 16 22.63 -21.75 20.07
N PHE A 17 21.52 -21.46 20.76
CA PHE A 17 20.98 -20.10 20.80
C PHE A 17 20.36 -19.89 22.17
N ARG A 18 20.33 -18.65 22.62
CA ARG A 18 19.76 -18.30 23.91
C ARG A 18 19.10 -16.93 23.77
N ARG A 19 17.96 -16.75 24.39
CA ARG A 19 17.25 -15.49 24.29
C ARG A 19 16.37 -15.24 25.51
N HIS A 20 16.35 -14.00 26.00
CA HIS A 20 15.54 -13.64 27.15
C HIS A 20 14.14 -13.25 26.69
N PHE A 21 13.16 -13.51 27.53
CA PHE A 21 11.77 -13.21 27.21
C PHE A 21 11.10 -12.74 28.49
N ALA A 22 10.34 -11.64 28.38
CA ALA A 22 9.65 -11.08 29.53
C ALA A 22 8.32 -11.77 29.79
N ALA A 23 8.37 -12.95 30.39
CA ALA A 23 7.16 -13.71 30.70
C ALA A 23 7.48 -14.95 31.52
N THR A 24 6.50 -15.45 32.25
CA THR A 24 6.71 -16.64 33.07
C THR A 24 6.81 -17.84 32.14
N PRO A 25 7.71 -18.77 32.45
CA PRO A 25 7.87 -19.96 31.61
C PRO A 25 6.56 -20.65 31.21
N GLU A 26 5.53 -20.48 32.04
CA GLU A 26 4.23 -21.09 31.76
C GLU A 26 3.59 -20.42 30.56
N GLN A 27 3.89 -19.14 30.37
CA GLN A 27 3.32 -18.39 29.26
C GLN A 27 4.17 -18.62 28.03
N LEU A 28 5.47 -18.71 28.23
CA LEU A 28 6.36 -18.91 27.11
C LEU A 28 6.12 -20.30 26.50
N TRP A 29 5.91 -21.29 27.34
CA TRP A 29 5.65 -22.65 26.87
C TRP A 29 4.35 -22.68 26.07
N ALA A 30 3.36 -21.90 26.47
CA ALA A 30 2.08 -21.86 25.75
C ALA A 30 2.28 -21.22 24.37
N ALA A 31 3.26 -20.31 24.29
CA ALA A 31 3.57 -19.61 23.06
C ALA A 31 4.36 -20.52 22.12
N LEU A 32 5.31 -21.26 22.68
CA LEU A 32 6.16 -22.16 21.92
C LEU A 32 5.52 -23.49 21.49
N THR A 33 4.41 -23.86 22.12
CA THR A 33 3.78 -25.14 21.82
C THR A 33 2.28 -25.14 21.44
N SER A 34 1.64 -23.97 21.43
CA SER A 34 0.23 -23.93 21.09
C SER A 34 -0.03 -23.65 19.60
N PRO A 35 -0.90 -24.44 18.98
CA PRO A 35 -1.23 -24.26 17.56
C PRO A 35 -1.97 -22.96 17.27
N ALA A 36 -2.57 -22.37 18.31
CA ALA A 36 -3.31 -21.12 18.12
C ALA A 36 -2.44 -19.87 18.30
N LEU A 37 -1.29 -20.04 18.95
CA LEU A 37 -0.39 -18.92 19.20
C LEU A 37 0.85 -18.92 18.31
N LEU A 38 1.32 -20.10 17.90
CA LEU A 38 2.52 -20.17 17.06
C LEU A 38 2.43 -19.38 15.75
N PRO A 39 1.28 -19.37 15.09
CA PRO A 39 1.14 -18.63 13.83
C PRO A 39 1.31 -17.12 13.98
N ALA A 40 0.97 -16.62 15.16
CA ALA A 40 1.05 -15.20 15.44
C ALA A 40 2.46 -14.62 15.66
N TRP A 41 3.49 -15.46 15.55
CA TRP A 41 4.85 -14.95 15.72
C TRP A 41 5.92 -15.72 14.95
N LEU A 42 5.80 -17.04 14.92
CA LEU A 42 6.76 -17.88 14.23
C LEU A 42 6.57 -17.96 12.71
N PHE A 43 6.97 -16.90 12.03
CA PHE A 43 6.86 -16.81 10.57
C PHE A 43 7.88 -15.79 10.10
N ALA A 44 8.25 -15.87 8.82
CA ALA A 44 9.20 -14.90 8.26
C ALA A 44 8.42 -13.90 7.41
N ARG A 45 9.11 -12.84 6.97
CA ARG A 45 8.52 -11.78 6.14
C ARG A 45 7.91 -12.31 4.84
N GLY A 46 6.58 -12.18 4.73
CA GLY A 46 5.87 -12.63 3.55
C GLY A 46 5.55 -14.12 3.48
N TRP A 47 5.73 -14.82 4.60
CA TRP A 47 5.46 -16.25 4.66
C TRP A 47 4.71 -16.58 5.96
N PRO A 48 3.43 -16.21 6.04
CA PRO A 48 2.61 -16.47 7.21
C PRO A 48 2.44 -17.97 7.41
N THR A 50 0.31 -21.05 7.63
CA THR A 50 -1.03 -21.43 7.22
C THR A 50 -1.53 -22.74 7.81
N GLU A 51 -0.62 -23.61 8.25
CA GLU A 51 -1.04 -24.88 8.88
C GLU A 51 -0.16 -25.13 10.08
N CYS A 52 -0.79 -25.46 11.20
CA CYS A 52 0.00 -25.69 12.39
C CYS A 52 -0.56 -26.74 13.33
N VAL A 53 0.07 -27.90 13.30
CA VAL A 53 -0.28 -29.01 14.15
C VAL A 53 0.90 -29.18 15.10
N PHE A 54 0.61 -29.10 16.40
CA PHE A 54 1.64 -29.27 17.41
C PHE A 54 0.96 -29.96 18.60
N GLU A 55 1.56 -31.06 19.03
CA GLU A 55 1.05 -31.85 20.14
C GLU A 55 2.27 -32.03 21.03
N PRO A 56 2.38 -31.25 22.12
CA PRO A 56 3.50 -31.31 23.07
C PRO A 56 3.50 -32.39 24.14
N HIS A 57 3.43 -33.64 23.70
CA HIS A 57 3.44 -34.82 24.57
C HIS A 57 4.14 -35.92 23.79
N LYS A 58 4.86 -36.81 24.48
CA LYS A 58 5.57 -37.90 23.79
C LYS A 58 4.76 -38.51 22.63
N GLY A 59 5.45 -38.71 21.51
CA GLY A 59 4.84 -39.30 20.31
C GLY A 59 4.05 -38.29 19.49
N GLY A 60 3.93 -37.09 20.01
CA GLY A 60 3.17 -36.05 19.33
C GLY A 60 3.62 -35.73 17.92
N LEU A 61 2.68 -35.27 17.11
CA LEU A 61 2.95 -34.90 15.74
C LEU A 61 3.18 -33.40 15.64
N ILE A 62 4.08 -33.02 14.75
CA ILE A 62 4.41 -31.64 14.49
C ILE A 62 4.32 -31.49 12.98
N ARG A 63 3.46 -30.58 12.53
CA ARG A 63 3.30 -30.34 11.10
C ARG A 63 3.13 -28.84 10.91
N GLN A 64 4.02 -28.21 10.16
CA GLN A 64 3.97 -26.76 9.92
C GLN A 64 4.10 -26.40 8.44
N VAL A 65 3.28 -25.46 8.00
CA VAL A 65 3.33 -25.02 6.60
C VAL A 65 3.21 -23.52 6.45
N TRP A 66 4.16 -22.95 5.73
CA TRP A 66 4.14 -21.52 5.48
C TRP A 66 3.85 -21.33 3.99
N THR A 67 3.03 -20.34 3.70
CA THR A 67 2.70 -20.03 2.33
C THR A 67 3.22 -18.63 2.02
N GLY A 68 4.02 -18.55 0.98
CA GLY A 68 4.58 -17.27 0.58
C GLY A 68 3.78 -16.57 -0.49
N PRO A 69 4.29 -15.47 -1.03
CA PRO A 69 3.53 -14.78 -2.07
C PRO A 69 3.58 -15.72 -3.27
N GLU A 70 2.59 -15.61 -4.15
CA GLU A 70 2.54 -16.46 -5.34
C GLU A 70 2.01 -17.87 -5.08
N GLY A 71 1.83 -18.23 -3.81
CA GLY A 71 1.29 -19.53 -3.48
C GLY A 71 2.20 -20.68 -3.07
N ARG A 72 3.48 -20.67 -3.45
CA ARG A 72 4.38 -21.78 -3.07
C ARG A 72 4.41 -21.99 -1.55
N THR A 73 4.59 -23.24 -1.15
CA THR A 73 4.66 -23.58 0.28
C THR A 73 6.03 -24.09 0.70
N ARG A 74 6.18 -24.19 2.01
CA ARG A 74 7.40 -24.66 2.61
C ARG A 74 6.93 -25.24 3.94
N GLY A 75 7.29 -26.49 4.20
CA GLY A 75 6.85 -27.08 5.45
C GLY A 75 7.80 -28.04 6.10
N LEU A 76 7.42 -28.48 7.29
CA LEU A 76 8.23 -29.40 8.03
C LEU A 76 7.36 -30.32 8.88
N THR A 77 7.91 -31.49 9.17
CA THR A 77 7.23 -32.48 9.98
C THR A 77 8.24 -32.87 11.02
N GLY A 78 7.75 -33.40 12.14
CA GLY A 78 8.64 -33.80 13.20
C GLY A 78 7.81 -34.57 14.20
N ARG A 79 8.48 -35.11 15.21
CA ARG A 79 7.80 -35.87 16.23
C ARG A 79 8.29 -35.38 17.58
N VAL A 80 7.40 -35.25 18.55
CA VAL A 80 7.85 -34.86 19.87
C VAL A 80 8.46 -36.12 20.52
N ILE A 81 9.71 -36.04 20.96
CA ILE A 81 10.40 -37.17 21.60
C ILE A 81 10.13 -37.21 23.09
N LEU A 82 10.05 -36.05 23.70
CA LEU A 82 9.75 -35.97 25.13
C LEU A 82 9.31 -34.54 25.49
N ALA A 83 8.46 -34.43 26.50
CA ALA A 83 7.95 -33.13 26.92
C ALA A 83 7.68 -32.99 28.42
N GLU A 84 8.45 -32.13 29.05
CA GLU A 84 8.34 -31.85 30.48
C GLU A 84 7.89 -30.41 30.72
N PRO A 85 6.59 -30.11 30.50
CA PRO A 85 6.17 -28.72 30.74
C PRO A 85 6.46 -28.21 32.14
N PRO A 86 7.03 -26.99 32.24
CA PRO A 86 7.36 -26.20 31.05
C PRO A 86 8.82 -26.04 30.61
N HIS A 87 9.74 -26.81 31.18
CA HIS A 87 11.17 -26.56 31.04
C HIS A 87 11.89 -27.25 29.91
N ARG A 88 11.28 -28.28 29.35
CA ARG A 88 11.99 -28.99 28.30
C ARG A 88 11.08 -29.64 27.27
N LEU A 89 11.53 -29.62 26.03
CA LEU A 89 10.80 -30.23 24.92
C LEU A 89 11.82 -30.61 23.88
N ILE A 90 11.66 -31.79 23.33
CA ILE A 90 12.58 -32.29 22.32
C ILE A 90 11.75 -32.90 21.20
N HIS A 91 12.08 -32.51 19.97
CA HIS A 91 11.38 -33.06 18.83
C HIS A 91 12.32 -33.12 17.68
N SER A 92 11.94 -33.89 16.68
CA SER A 92 12.75 -33.99 15.48
C SER A 92 12.13 -33.01 14.50
N GLU A 93 12.89 -32.60 13.50
CA GLU A 93 12.37 -31.70 12.47
C GLU A 93 12.92 -32.17 11.15
N LEU A 94 12.13 -32.04 10.10
CA LEU A 94 12.55 -32.40 8.76
C LEU A 94 11.77 -31.59 7.74
N TYR A 95 12.48 -30.67 7.06
CA TYR A 95 11.83 -29.86 6.01
C TYR A 95 11.91 -30.65 4.71
N ASP A 96 12.12 -29.90 3.62
CA ASP A 96 12.22 -30.44 2.27
C ASP A 96 13.14 -29.61 1.37
N THR A 100 17.48 -28.42 2.31
CA THR A 100 17.21 -29.32 3.42
C THR A 100 18.42 -29.35 4.37
N GLY A 101 18.97 -30.55 4.53
CA GLY A 101 20.10 -30.81 5.39
C GLY A 101 20.05 -32.28 5.79
N GLY A 102 18.92 -32.67 6.38
CA GLY A 102 18.70 -34.03 6.85
C GLY A 102 17.79 -33.88 8.07
N GLU A 103 17.44 -34.99 8.73
CA GLU A 103 16.57 -34.87 9.90
C GLU A 103 17.33 -34.22 11.06
N THR A 104 16.73 -33.26 11.75
CA THR A 104 17.42 -32.60 12.86
C THR A 104 16.70 -32.79 14.19
N LEU A 105 17.46 -32.71 15.28
CA LEU A 105 16.86 -32.85 16.62
C LEU A 105 16.99 -31.51 17.34
N VAL A 106 15.84 -30.96 17.72
CA VAL A 106 15.76 -29.67 18.37
C VAL A 106 15.44 -29.74 19.84
N THR A 107 16.26 -29.07 20.66
CA THR A 107 16.08 -29.08 22.11
C THR A 107 15.78 -27.69 22.68
N LEU A 108 14.66 -27.57 23.37
CA LEU A 108 14.28 -26.31 23.98
C LEU A 108 14.27 -26.46 25.49
N GLN A 109 15.02 -25.61 26.15
CA GLN A 109 15.09 -25.63 27.60
C GLN A 109 14.67 -24.25 28.12
N LEU A 110 13.71 -24.22 29.02
CA LEU A 110 13.22 -22.97 29.60
C LEU A 110 13.57 -22.86 31.10
N LEU A 111 14.51 -21.98 31.44
CA LEU A 111 14.90 -21.78 32.84
C LEU A 111 14.61 -20.35 33.27
N PRO A 112 13.93 -20.17 34.42
CA PRO A 112 13.60 -18.85 34.92
C PRO A 112 14.85 -18.04 35.25
N VAL A 113 14.89 -16.81 34.75
CA VAL A 113 16.02 -15.91 34.98
C VAL A 113 15.39 -14.63 35.51
N GLU A 114 16.17 -13.76 36.12
CA GLU A 114 15.60 -12.52 36.63
C GLU A 114 15.17 -11.67 35.45
N GLY A 115 13.90 -11.25 35.47
CA GLY A 115 13.37 -10.44 34.39
C GLY A 115 12.24 -11.17 33.68
N GLY A 116 12.37 -12.49 33.59
CA GLY A 116 11.37 -13.32 32.94
C GLY A 116 11.95 -14.72 32.76
N THR A 117 12.09 -15.15 31.50
CA THR A 117 12.49 -16.51 31.17
C THR A 117 13.62 -16.46 30.14
N GLU A 118 14.47 -17.48 30.14
CA GLU A 118 15.54 -17.56 29.15
C GLU A 118 15.29 -18.82 28.35
N LEU A 119 15.25 -18.70 27.03
CA LEU A 119 15.03 -19.85 26.17
C LEU A 119 16.35 -20.30 25.59
N ALA A 120 16.73 -21.52 25.94
CA ALA A 120 17.97 -22.11 25.41
C ALA A 120 17.52 -23.12 24.36
N ALA A 122 18.85 -25.71 21.05
CA ALA A 122 19.95 -26.41 20.39
C ALA A 122 19.42 -27.29 19.26
N VAL A 123 20.18 -27.34 18.17
CA VAL A 123 19.77 -28.14 17.03
C VAL A 123 20.95 -29.03 16.65
N ASP A 124 20.74 -30.34 16.73
CA ASP A 124 21.79 -31.28 16.37
C ASP A 124 21.53 -31.68 14.94
N TYR A 125 22.54 -31.58 14.10
CA TYR A 125 22.45 -31.90 12.68
C TYR A 125 23.02 -33.28 12.33
N ALA A 126 22.66 -33.77 11.15
CA ALA A 126 23.11 -35.08 10.69
C ALA A 126 24.61 -35.18 10.58
N THR A 127 25.17 -34.36 9.71
CA THR A 127 26.60 -34.32 9.46
C THR A 127 27.19 -32.97 9.83
N PRO A 128 28.52 -32.82 9.73
CA PRO A 128 29.01 -31.49 10.09
C PRO A 128 28.86 -30.55 8.91
N GLU A 129 28.62 -31.10 7.73
CA GLU A 129 28.43 -30.27 6.54
C GLU A 129 26.95 -29.86 6.41
N ALA A 130 26.08 -30.53 7.18
CA ALA A 130 24.66 -30.21 7.17
C ALA A 130 24.53 -29.02 8.11
N ARG A 131 25.40 -28.99 9.11
CA ARG A 131 25.46 -27.93 10.08
C ARG A 131 26.09 -26.75 9.33
N ASP A 132 26.83 -27.08 8.28
CA ASP A 132 27.49 -26.07 7.43
C ASP A 132 26.49 -25.25 6.64
N ALA A 133 25.81 -25.89 5.68
CA ALA A 133 24.84 -25.22 4.85
C ALA A 133 23.87 -24.35 5.67
N VAL A 134 23.57 -24.78 6.89
CA VAL A 134 22.65 -24.04 7.73
C VAL A 134 23.22 -22.81 8.41
N ALA A 135 24.52 -22.81 8.70
CA ALA A 135 25.15 -21.65 9.32
C ALA A 135 25.22 -20.53 8.29
N ALA A 136 25.13 -20.89 7.01
CA ALA A 136 25.20 -19.93 5.93
C ALA A 136 23.79 -19.48 5.48
N SER A 137 22.81 -19.68 6.36
CA SER A 137 21.42 -19.31 6.11
C SER A 137 20.98 -18.26 7.10
N ALA A 138 20.22 -17.29 6.64
CA ALA A 138 19.73 -16.23 7.52
C ALA A 138 18.72 -16.84 8.50
N ALA A 140 19.53 -17.65 11.59
CA ALA A 140 19.77 -16.96 12.87
C ALA A 140 19.04 -15.61 12.83
N THR A 141 19.00 -15.07 11.65
CA THR A 141 18.42 -13.78 11.40
C THR A 141 16.94 -13.86 11.43
N GLU A 142 16.43 -14.88 10.82
CA GLU A 142 15.03 -15.04 10.72
C GLU A 142 14.49 -15.46 12.03
N GLU A 144 15.61 -14.47 14.94
CA GLU A 144 15.54 -13.28 15.80
C GLU A 144 14.35 -12.43 15.37
N GLU A 145 14.10 -12.36 14.07
CA GLU A 145 12.97 -11.59 13.59
C GLU A 145 11.70 -12.21 14.20
N ALA A 146 11.70 -13.53 14.35
CA ALA A 146 10.54 -14.21 14.90
C ALA A 146 10.41 -13.91 16.39
N TYR A 147 11.51 -14.00 17.14
CA TYR A 147 11.43 -13.72 18.57
C TYR A 147 10.94 -12.30 18.80
N ARG A 148 11.35 -11.39 17.91
CA ARG A 148 10.90 -10.00 18.02
C ARG A 148 9.38 -10.03 17.95
N HIS A 149 8.85 -10.82 17.02
CA HIS A 149 7.40 -10.97 16.88
C HIS A 149 6.81 -11.45 18.19
N LEU A 150 7.49 -12.45 18.78
CA LEU A 150 7.05 -13.05 20.03
C LEU A 150 7.04 -12.03 21.16
N ASP A 151 8.02 -11.14 21.16
CA ASP A 151 8.09 -10.11 22.18
C ASP A 151 6.81 -9.27 22.16
N VAL A 152 6.46 -8.77 20.98
CA VAL A 152 5.28 -7.93 20.81
C VAL A 152 3.98 -8.61 21.21
N LEU A 154 3.74 -11.20 23.45
CA LEU A 154 3.74 -11.39 24.90
C LEU A 154 3.26 -10.10 25.57
N ALA A 155 3.87 -8.98 25.18
CA ALA A 155 3.54 -7.65 25.71
C ALA A 155 2.07 -7.26 25.48
N ALA A 156 1.53 -7.58 24.32
CA ALA A 156 0.13 -7.27 24.03
C ALA A 156 -0.81 -8.15 24.89
N LEU A 157 -0.25 -9.12 25.59
CA LEU A 157 -1.05 -9.99 26.44
C LEU A 157 -1.06 -9.51 27.88
N ASP B 3 7.80 33.22 -17.70
CA ASP B 3 7.05 34.51 -17.68
C ASP B 3 6.14 34.61 -16.47
N GLU B 4 5.26 35.61 -16.44
CA GLU B 4 4.31 35.80 -15.33
C GLU B 4 2.91 36.09 -15.85
N ILE B 5 1.92 35.91 -14.98
CA ILE B 5 0.50 36.09 -15.34
C ILE B 5 -0.03 37.51 -15.16
N GLN B 6 -0.60 38.05 -16.24
CA GLN B 6 -1.15 39.40 -16.25
C GLN B 6 -2.64 39.54 -15.94
N ILE B 7 -2.97 39.99 -14.74
CA ILE B 7 -4.37 40.19 -14.35
C ILE B 7 -4.91 41.28 -15.27
N GLY B 8 -6.06 41.03 -15.88
CA GLY B 8 -6.66 42.01 -16.77
C GLY B 8 -7.68 42.86 -16.01
N PRO B 9 -8.14 43.97 -16.59
CA PRO B 9 -9.12 44.84 -15.96
C PRO B 9 -10.44 44.13 -15.65
N GLY B 10 -11.03 43.49 -16.66
CA GLY B 10 -12.27 42.76 -16.47
C GLY B 10 -13.52 43.60 -16.28
N SER B 11 -14.23 43.36 -15.18
CA SER B 11 -15.44 44.09 -14.84
C SER B 11 -15.97 43.67 -13.47
N ALA B 12 -17.17 44.15 -13.14
CA ALA B 12 -17.78 43.83 -11.86
C ALA B 12 -18.10 42.34 -11.72
N THR B 13 -18.25 41.66 -12.86
CA THR B 13 -18.57 40.25 -12.85
C THR B 13 -17.73 39.44 -13.83
N ARG B 14 -16.50 39.85 -14.06
CA ARG B 14 -15.69 39.13 -15.01
C ARG B 14 -14.19 39.33 -14.82
N LEU B 15 -13.48 38.24 -14.52
CA LEU B 15 -12.03 38.29 -14.33
C LEU B 15 -11.36 37.82 -15.61
N GLU B 16 -10.22 38.42 -15.92
CA GLU B 16 -9.45 38.07 -17.11
C GLU B 16 -8.01 37.81 -16.68
N PHE B 17 -7.32 36.96 -17.43
CA PHE B 17 -5.92 36.65 -17.14
C PHE B 17 -5.33 36.35 -18.50
N ARG B 18 -4.05 36.62 -18.66
CA ARG B 18 -3.35 36.35 -19.91
C ARG B 18 -1.96 35.84 -19.51
N ARG B 19 -1.47 34.85 -20.26
CA ARG B 19 -0.17 34.26 -19.96
C ARG B 19 0.54 33.77 -21.22
N HIS B 20 1.83 34.07 -21.31
CA HIS B 20 2.62 33.62 -22.44
C HIS B 20 3.07 32.19 -22.15
N PHE B 21 3.16 31.38 -23.20
CA PHE B 21 3.59 29.99 -23.09
C PHE B 21 4.48 29.68 -24.28
N ALA B 22 5.61 29.03 -24.02
CA ALA B 22 6.54 28.67 -25.09
C ALA B 22 6.07 27.40 -25.79
N ALA B 23 5.08 27.53 -26.66
CA ALA B 23 4.57 26.37 -27.36
C ALA B 23 3.60 26.72 -28.47
N THR B 24 3.42 25.80 -29.41
CA THR B 24 2.50 26.03 -30.53
C THR B 24 1.09 25.98 -29.97
N PRO B 25 0.16 26.71 -30.57
CA PRO B 25 -1.20 26.64 -30.03
C PRO B 25 -1.76 25.23 -30.06
N GLU B 26 -1.24 24.41 -30.95
CA GLU B 26 -1.71 23.03 -31.06
C GLU B 26 -1.34 22.28 -29.78
N GLN B 27 -0.07 22.41 -29.39
CA GLN B 27 0.44 21.74 -28.19
C GLN B 27 -0.23 22.25 -26.92
N LEU B 28 -0.37 23.57 -26.83
CA LEU B 28 -0.99 24.16 -25.65
C LEU B 28 -2.45 23.71 -25.52
N TRP B 29 -3.12 23.51 -26.65
CA TRP B 29 -4.50 23.06 -26.63
C TRP B 29 -4.60 21.63 -26.11
N ALA B 30 -3.60 20.80 -26.40
CA ALA B 30 -3.63 19.41 -25.92
C ALA B 30 -3.49 19.36 -24.38
N ALA B 31 -2.63 20.24 -23.85
CA ALA B 31 -2.39 20.32 -22.41
C ALA B 31 -3.59 20.89 -21.64
N LEU B 32 -4.40 21.70 -22.31
CA LEU B 32 -5.56 22.29 -21.68
C LEU B 32 -6.85 21.45 -21.78
N THR B 33 -6.85 20.46 -22.66
CA THR B 33 -8.04 19.65 -22.88
C THR B 33 -7.85 18.14 -22.88
N SER B 34 -6.62 17.68 -22.68
CA SER B 34 -6.39 16.24 -22.68
C SER B 34 -6.29 15.68 -21.24
N PRO B 35 -7.22 14.80 -20.87
CA PRO B 35 -7.31 14.14 -19.56
C PRO B 35 -6.01 13.46 -19.12
N ALA B 36 -5.17 13.11 -20.08
CA ALA B 36 -3.90 12.45 -19.77
C ALA B 36 -2.81 13.47 -19.43
N LEU B 37 -3.03 14.73 -19.78
CA LEU B 37 -2.04 15.77 -19.50
C LEU B 37 -2.46 16.76 -18.42
N LEU B 38 -3.75 16.97 -18.24
CA LEU B 38 -4.22 17.93 -17.25
C LEU B 38 -3.77 17.64 -15.82
N PRO B 39 -3.71 16.36 -15.43
CA PRO B 39 -3.27 16.04 -14.07
C PRO B 39 -1.81 16.37 -13.83
N ALA B 40 -1.02 16.30 -14.89
CA ALA B 40 0.40 16.58 -14.78
C ALA B 40 0.79 18.02 -14.42
N TRP B 41 -0.14 18.97 -14.52
CA TRP B 41 0.22 20.35 -14.19
C TRP B 41 -0.87 21.13 -13.45
N LEU B 42 -2.12 20.92 -13.83
CA LEU B 42 -3.24 21.63 -13.21
C LEU B 42 -3.67 21.06 -11.87
N PHE B 43 -2.96 21.48 -10.82
CA PHE B 43 -3.22 21.03 -9.47
C PHE B 43 -2.53 21.98 -8.47
N ALA B 44 -2.92 21.93 -7.22
CA ALA B 44 -2.28 22.78 -6.22
C ALA B 44 -1.35 21.96 -5.34
N ARG B 45 -0.59 22.65 -4.52
CA ARG B 45 0.37 22.04 -3.61
C ARG B 45 -0.30 21.01 -2.70
N GLY B 46 0.00 19.73 -2.93
CA GLY B 46 -0.56 18.65 -2.11
C GLY B 46 -1.98 18.20 -2.45
N TRP B 47 -2.51 18.68 -3.57
CA TRP B 47 -3.85 18.33 -4.01
C TRP B 47 -3.78 17.85 -5.46
N PRO B 48 -3.23 16.65 -5.70
CA PRO B 48 -3.11 16.09 -7.04
C PRO B 48 -4.46 15.81 -7.66
N THR B 50 -7.08 13.54 -9.12
CA THR B 50 -7.35 12.11 -9.11
C THR B 50 -8.37 11.67 -10.17
N GLU B 51 -9.23 12.58 -10.61
CA GLU B 51 -10.19 12.22 -11.65
C GLU B 51 -10.24 13.34 -12.70
N CYS B 52 -10.18 12.97 -13.97
CA CYS B 52 -10.21 13.96 -15.00
C CYS B 52 -10.94 13.59 -16.25
N VAL B 53 -12.17 14.06 -16.36
CA VAL B 53 -12.95 13.81 -17.56
C VAL B 53 -13.03 15.17 -18.26
N PHE B 54 -12.68 15.21 -19.53
CA PHE B 54 -12.70 16.46 -20.27
C PHE B 54 -12.89 16.11 -21.74
N GLU B 55 -14.02 16.53 -22.29
CA GLU B 55 -14.36 16.25 -23.68
C GLU B 55 -14.48 17.63 -24.35
N PRO B 56 -13.48 18.02 -25.15
CA PRO B 56 -13.50 19.33 -25.82
C PRO B 56 -14.27 19.46 -27.12
N HIS B 57 -15.56 19.19 -27.05
CA HIS B 57 -16.47 19.27 -28.19
C HIS B 57 -17.82 19.64 -27.61
N LYS B 58 -18.65 20.35 -28.38
CA LYS B 58 -19.97 20.79 -27.92
C LYS B 58 -20.75 19.71 -27.15
N GLY B 59 -21.29 20.09 -26.01
CA GLY B 59 -22.03 19.14 -25.18
C GLY B 59 -21.13 18.27 -24.32
N GLY B 60 -19.82 18.40 -24.53
CA GLY B 60 -18.85 17.63 -23.78
C GLY B 60 -18.93 17.78 -22.28
N LEU B 61 -18.48 16.74 -21.56
CA LEU B 61 -18.51 16.74 -20.11
C LEU B 61 -17.15 17.03 -19.50
N ILE B 62 -17.19 17.68 -18.36
CA ILE B 62 -16.01 18.03 -17.62
C ILE B 62 -16.26 17.68 -16.16
N ARG B 63 -15.44 16.79 -15.64
CA ARG B 63 -15.53 16.37 -14.26
C ARG B 63 -14.09 16.30 -13.75
N GLN B 64 -13.78 17.08 -12.72
CA GLN B 64 -12.43 17.12 -12.16
C GLN B 64 -12.44 16.99 -10.64
N VAL B 65 -11.60 16.09 -10.14
CA VAL B 65 -11.48 15.84 -8.70
C VAL B 65 -10.04 15.85 -8.17
N TRP B 66 -9.80 16.66 -7.14
CA TRP B 66 -8.50 16.72 -6.49
C TRP B 66 -8.64 16.12 -5.10
N THR B 67 -7.65 15.36 -4.68
CA THR B 67 -7.69 14.74 -3.38
C THR B 67 -6.52 15.28 -2.59
N GLY B 68 -6.80 15.80 -1.40
CA GLY B 68 -5.73 16.35 -0.61
C GLY B 68 -5.41 15.64 0.68
N PRO B 69 -4.85 16.40 1.62
CA PRO B 69 -4.49 15.85 2.93
C PRO B 69 -5.72 15.20 3.56
N GLU B 70 -5.53 14.15 4.34
CA GLU B 70 -6.61 13.49 5.01
C GLU B 70 -7.54 12.72 4.13
N GLY B 71 -7.16 12.62 2.85
CA GLY B 71 -7.98 11.89 1.91
C GLY B 71 -9.26 12.56 1.44
N ARG B 72 -9.48 13.79 1.86
CA ARG B 72 -10.68 14.52 1.46
C ARG B 72 -10.61 15.10 0.04
N THR B 73 -11.77 15.23 -0.60
CA THR B 73 -11.78 15.74 -1.96
C THR B 73 -12.32 17.13 -2.22
N ARG B 74 -12.25 17.50 -3.49
CA ARG B 74 -12.68 18.78 -4.00
C ARG B 74 -12.83 18.56 -5.51
N GLY B 75 -14.03 18.83 -6.03
CA GLY B 75 -14.27 18.64 -7.43
C GLY B 75 -15.11 19.72 -8.07
N LEU B 76 -15.33 19.57 -9.36
CA LEU B 76 -16.12 20.53 -10.11
C LEU B 76 -16.68 19.85 -11.34
N THR B 77 -17.81 20.34 -11.83
CA THR B 77 -18.42 19.77 -13.00
C THR B 77 -18.65 20.91 -13.96
N GLY B 78 -18.82 20.57 -15.23
CA GLY B 78 -19.04 21.59 -16.21
C GLY B 78 -19.48 20.98 -17.52
N ARG B 79 -19.85 21.85 -18.44
CA ARG B 79 -20.29 21.44 -19.74
C ARG B 79 -19.63 22.36 -20.76
N VAL B 80 -19.13 21.74 -21.82
CA VAL B 80 -18.50 22.46 -22.91
C VAL B 80 -19.57 23.05 -23.83
N ILE B 81 -19.65 24.37 -23.90
CA ILE B 81 -20.63 25.05 -24.75
C ILE B 81 -20.17 25.17 -26.22
N LEU B 82 -18.90 25.41 -26.44
CA LEU B 82 -18.39 25.48 -27.81
C LEU B 82 -16.88 25.24 -27.81
N ALA B 83 -16.40 24.56 -28.85
CA ALA B 83 -14.98 24.26 -28.94
C ALA B 83 -14.45 24.33 -30.37
N GLU B 84 -13.50 25.23 -30.59
CA GLU B 84 -12.87 25.40 -31.90
C GLU B 84 -11.36 25.22 -31.78
N PRO B 85 -10.90 23.97 -31.74
CA PRO B 85 -9.47 23.67 -31.62
C PRO B 85 -8.72 24.30 -32.75
N PRO B 86 -7.61 25.00 -32.44
CA PRO B 86 -7.23 25.06 -31.03
C PRO B 86 -7.41 26.39 -30.30
N HIS B 87 -8.10 27.35 -30.91
CA HIS B 87 -8.14 28.71 -30.39
C HIS B 87 -9.19 29.05 -29.37
N ARG B 88 -10.34 28.41 -29.46
CA ARG B 88 -11.36 28.77 -28.51
C ARG B 88 -12.08 27.63 -27.82
N LEU B 89 -12.44 27.88 -26.56
CA LEU B 89 -13.16 26.92 -25.74
C LEU B 89 -13.97 27.70 -24.72
N ILE B 90 -15.20 27.26 -24.48
CA ILE B 90 -16.07 27.92 -23.51
C ILE B 90 -16.82 26.81 -22.77
N HIS B 91 -16.83 26.88 -21.45
CA HIS B 91 -17.54 25.86 -20.69
C HIS B 91 -17.99 26.41 -19.37
N SER B 92 -18.90 25.69 -18.74
CA SER B 92 -19.40 26.12 -17.44
C SER B 92 -18.54 25.44 -16.38
N GLU B 93 -18.45 26.07 -15.22
CA GLU B 93 -17.69 25.50 -14.12
C GLU B 93 -18.52 25.70 -12.88
N LEU B 94 -18.66 24.62 -12.12
CA LEU B 94 -19.42 24.63 -10.89
C LEU B 94 -18.77 23.73 -9.86
N TYR B 95 -18.06 24.28 -8.88
CA TYR B 95 -17.44 23.46 -7.85
C TYR B 95 -18.53 22.78 -7.05
N ASP B 96 -18.17 21.69 -6.38
CA ASP B 96 -19.13 20.92 -5.61
C ASP B 96 -19.50 21.42 -4.22
N GLU B 97 -19.04 22.61 -3.86
CA GLU B 97 -19.42 23.19 -2.58
C GLU B 97 -19.68 24.68 -2.80
N ASP B 98 -18.66 25.40 -3.29
CA ASP B 98 -18.71 26.83 -3.63
C ASP B 98 -17.50 27.62 -3.13
N GLY B 101 -18.56 32.32 -5.78
CA GLY B 101 -19.37 31.13 -5.70
C GLY B 101 -20.30 31.04 -6.90
N GLY B 102 -21.15 30.01 -6.92
CA GLY B 102 -22.08 29.83 -8.02
C GLY B 102 -21.43 29.35 -9.32
N GLU B 103 -22.25 29.04 -10.31
CA GLU B 103 -21.75 28.57 -11.60
C GLU B 103 -21.02 29.68 -12.34
N THR B 104 -19.93 29.34 -13.02
CA THR B 104 -19.19 30.34 -13.77
C THR B 104 -19.09 29.90 -15.22
N LEU B 105 -18.80 30.84 -16.09
CA LEU B 105 -18.61 30.53 -17.50
C LEU B 105 -17.13 30.83 -17.71
N VAL B 106 -16.39 29.86 -18.24
CA VAL B 106 -14.96 30.04 -18.47
C VAL B 106 -14.67 30.07 -19.96
N THR B 107 -13.93 31.09 -20.39
CA THR B 107 -13.59 31.28 -21.78
C THR B 107 -12.09 31.24 -21.99
N LEU B 108 -11.64 30.41 -22.92
CA LEU B 108 -10.21 30.32 -23.20
C LEU B 108 -9.95 30.63 -24.66
N GLN B 109 -9.01 31.54 -24.88
CA GLN B 109 -8.62 31.96 -26.22
C GLN B 109 -7.12 31.70 -26.35
N LEU B 110 -6.70 31.17 -27.49
CA LEU B 110 -5.28 30.89 -27.72
C LEU B 110 -4.80 31.56 -29.00
N LEU B 111 -4.02 32.63 -28.84
CA LEU B 111 -3.53 33.36 -30.00
C LEU B 111 -2.02 33.33 -30.13
N PRO B 112 -1.52 32.88 -31.30
CA PRO B 112 -0.08 32.79 -31.56
C PRO B 112 0.53 34.18 -31.41
N VAL B 113 1.64 34.27 -30.70
CA VAL B 113 2.35 35.53 -30.45
C VAL B 113 3.80 35.23 -30.78
N GLU B 114 4.66 36.24 -30.74
CA GLU B 114 6.06 35.96 -31.02
C GLU B 114 6.61 35.33 -29.74
N GLY B 115 7.17 34.12 -29.88
CA GLY B 115 7.72 33.42 -28.75
C GLY B 115 7.00 32.10 -28.51
N GLY B 116 5.70 32.06 -28.85
CA GLY B 116 4.91 30.86 -28.67
C GLY B 116 3.43 31.21 -28.75
N THR B 117 2.71 31.02 -27.65
CA THR B 117 1.25 31.17 -27.60
C THR B 117 0.82 31.96 -26.37
N GLU B 118 -0.17 32.82 -26.55
CA GLU B 118 -0.68 33.59 -25.43
C GLU B 118 -2.04 32.98 -25.10
N LEU B 119 -2.24 32.63 -23.84
CA LEU B 119 -3.50 32.05 -23.38
C LEU B 119 -4.34 33.13 -22.72
N ALA B 120 -5.51 33.39 -23.28
CA ALA B 120 -6.40 34.41 -22.74
C ALA B 120 -7.58 33.77 -22.02
N ALA B 122 -10.94 34.03 -19.44
CA ALA B 122 -11.98 34.90 -18.88
C ALA B 122 -12.98 34.07 -18.05
N VAL B 123 -13.23 34.51 -16.83
CA VAL B 123 -14.16 33.82 -15.95
C VAL B 123 -15.31 34.77 -15.64
N ASP B 124 -16.49 34.51 -16.23
CA ASP B 124 -17.69 35.33 -16.02
C ASP B 124 -18.49 34.83 -14.82
N TYR B 125 -18.57 35.62 -13.76
CA TYR B 125 -19.31 35.21 -12.58
C TYR B 125 -20.78 35.64 -12.59
N ALA B 126 -21.51 35.10 -11.62
CA ALA B 126 -22.94 35.33 -11.41
C ALA B 126 -23.23 36.79 -11.06
N THR B 127 -22.97 37.11 -9.79
CA THR B 127 -23.21 38.43 -9.26
C THR B 127 -21.89 39.18 -9.14
N PRO B 128 -21.95 40.47 -8.76
CA PRO B 128 -20.69 41.21 -8.63
C PRO B 128 -20.02 40.84 -7.31
N GLU B 129 -20.80 40.24 -6.41
CA GLU B 129 -20.30 39.84 -5.10
C GLU B 129 -19.71 38.43 -5.15
N ALA B 130 -20.02 37.69 -6.22
CA ALA B 130 -19.48 36.35 -6.39
C ALA B 130 -18.08 36.54 -6.94
N ARG B 131 -17.92 37.64 -7.67
CA ARG B 131 -16.65 38.02 -8.27
C ARG B 131 -15.82 38.65 -7.15
N ASP B 132 -16.46 38.86 -6.00
CA ASP B 132 -15.80 39.46 -4.83
C ASP B 132 -15.09 38.40 -4.00
N ALA B 133 -15.86 37.41 -3.54
CA ALA B 133 -15.33 36.33 -2.73
C ALA B 133 -14.13 35.68 -3.40
N VAL B 134 -14.12 35.70 -4.73
CA VAL B 134 -13.04 35.10 -5.52
C VAL B 134 -11.95 36.11 -5.86
N ALA B 135 -12.34 37.36 -6.06
CA ALA B 135 -11.43 38.44 -6.41
C ALA B 135 -10.04 38.30 -5.78
N ALA B 136 -9.97 38.39 -4.46
CA ALA B 136 -8.71 38.26 -3.74
C ALA B 136 -8.71 36.97 -2.95
N SER B 137 -8.48 35.85 -3.61
CA SER B 137 -8.52 34.55 -2.94
C SER B 137 -7.35 33.60 -3.22
N ALA B 138 -6.19 34.15 -3.58
CA ALA B 138 -4.99 33.37 -3.91
C ALA B 138 -5.32 32.45 -5.06
N ALA B 140 -5.43 33.59 -8.13
CA ALA B 140 -4.51 34.06 -9.16
C ALA B 140 -3.13 33.50 -8.84
N THR B 141 -2.86 33.29 -7.55
CA THR B 141 -1.59 32.74 -7.10
C THR B 141 -1.53 31.28 -7.54
N GLU B 142 -2.53 30.51 -7.12
CA GLU B 142 -2.59 29.11 -7.47
C GLU B 142 -2.62 28.89 -8.98
N GLU B 144 -1.21 30.78 -11.18
CA GLU B 144 0.15 31.02 -11.65
C GLU B 144 1.10 29.90 -11.23
N GLU B 145 0.81 29.25 -10.10
CA GLU B 145 1.66 28.14 -9.65
C GLU B 145 1.45 26.98 -10.64
N ALA B 146 0.22 26.82 -11.11
CA ALA B 146 -0.08 25.76 -12.06
C ALA B 146 0.51 26.03 -13.44
N TYR B 147 0.47 27.26 -13.91
CA TYR B 147 1.04 27.53 -15.21
C TYR B 147 2.52 27.32 -15.19
N ARG B 148 3.09 27.47 -14.00
CA ARG B 148 4.50 27.24 -13.80
C ARG B 148 4.75 25.75 -14.00
N HIS B 149 3.78 24.93 -13.58
CA HIS B 149 3.83 23.47 -13.72
C HIS B 149 3.78 23.14 -15.19
N LEU B 150 2.94 23.87 -15.92
CA LEU B 150 2.74 23.67 -17.34
C LEU B 150 3.98 24.05 -18.15
N ASP B 151 4.67 25.10 -17.71
CA ASP B 151 5.90 25.55 -18.35
C ASP B 151 6.92 24.42 -18.33
N VAL B 152 7.13 23.85 -17.15
CA VAL B 152 8.10 22.77 -16.99
C VAL B 152 7.70 21.54 -17.80
N LEU B 154 5.80 21.48 -20.73
CA LEU B 154 5.97 21.81 -22.14
C LEU B 154 7.45 21.70 -22.50
N ALA B 155 8.31 22.10 -21.58
CA ALA B 155 9.75 22.01 -21.80
C ALA B 155 10.20 20.55 -21.94
N ALA B 156 9.93 19.75 -20.92
CA ALA B 156 10.32 18.33 -20.95
C ALA B 156 9.77 17.63 -22.20
N LEU B 157 8.91 18.33 -22.94
CA LEU B 157 8.34 17.78 -24.15
C LEU B 157 9.15 18.22 -25.39
N GLU C 4 0.41 -6.80 -23.35
CA GLU C 4 1.69 -6.60 -24.10
C GLU C 4 2.92 -6.60 -23.20
N ILE C 5 2.75 -6.96 -21.93
CA ILE C 5 3.91 -7.02 -21.04
C ILE C 5 4.42 -8.46 -21.07
N GLN C 6 5.73 -8.63 -21.14
CA GLN C 6 6.31 -9.96 -21.21
C GLN C 6 7.25 -10.28 -20.06
N ILE C 7 6.87 -11.26 -19.26
CA ILE C 7 7.68 -11.68 -18.14
C ILE C 7 8.87 -12.45 -18.72
N GLY C 8 10.07 -12.17 -18.24
CA GLY C 8 11.24 -12.86 -18.75
C GLY C 8 11.67 -13.99 -17.85
N PRO C 9 12.67 -14.79 -18.26
CA PRO C 9 13.11 -15.88 -17.40
C PRO C 9 13.68 -15.35 -16.08
N GLY C 10 14.65 -14.45 -16.16
CA GLY C 10 15.24 -13.91 -14.95
C GLY C 10 16.07 -14.94 -14.22
N SER C 11 16.01 -14.93 -12.89
CA SER C 11 16.76 -15.87 -12.08
C SER C 11 16.33 -15.81 -10.62
N ALA C 12 17.04 -16.52 -9.76
CA ALA C 12 16.72 -16.58 -8.33
C ALA C 12 16.75 -15.23 -7.62
N THR C 13 17.38 -14.25 -8.25
CA THR C 13 17.46 -12.93 -7.63
C THR C 13 17.34 -11.84 -8.68
N ARG C 14 16.48 -12.05 -9.67
CA ARG C 14 16.32 -11.04 -10.73
C ARG C 14 15.06 -11.21 -11.57
N LEU C 15 14.25 -10.16 -11.64
CA LEU C 15 13.04 -10.18 -12.44
C LEU C 15 13.24 -9.34 -13.70
N GLU C 16 12.78 -9.87 -14.83
CA GLU C 16 12.89 -9.20 -16.12
C GLU C 16 11.50 -8.94 -16.71
N PHE C 17 11.35 -7.83 -17.42
CA PHE C 17 10.10 -7.46 -18.09
C PHE C 17 10.45 -6.80 -19.43
N ARG C 18 9.54 -6.87 -20.38
CA ARG C 18 9.74 -6.23 -21.69
C ARG C 18 8.38 -5.73 -22.14
N ARG C 19 8.37 -4.54 -22.75
CA ARG C 19 7.12 -3.96 -23.23
C ARG C 19 7.39 -3.06 -24.42
N HIS C 20 6.49 -3.12 -25.40
CA HIS C 20 6.60 -2.33 -26.61
C HIS C 20 5.80 -1.02 -26.45
N PHE C 21 6.34 0.05 -27.01
CA PHE C 21 5.71 1.36 -26.95
C PHE C 21 5.73 2.04 -28.31
N ALA C 22 4.62 2.68 -28.67
CA ALA C 22 4.57 3.37 -29.94
C ALA C 22 5.22 4.74 -29.79
N ALA C 23 6.55 4.79 -29.79
CA ALA C 23 7.26 6.07 -29.65
C ALA C 23 8.75 5.99 -29.94
N THR C 24 9.37 7.13 -30.25
CA THR C 24 10.80 7.13 -30.51
C THR C 24 11.48 7.06 -29.14
N PRO C 25 12.49 6.19 -29.00
CA PRO C 25 13.16 6.10 -27.70
C PRO C 25 13.43 7.45 -27.01
N GLU C 26 13.80 8.47 -27.79
CA GLU C 26 14.05 9.81 -27.23
C GLU C 26 12.82 10.29 -26.46
N GLN C 27 11.63 9.96 -26.96
CA GLN C 27 10.39 10.37 -26.32
C GLN C 27 10.13 9.52 -25.08
N LEU C 28 10.41 8.22 -25.20
CA LEU C 28 10.20 7.32 -24.10
C LEU C 28 11.16 7.64 -22.96
N TRP C 29 12.35 8.14 -23.30
CA TRP C 29 13.34 8.48 -22.29
C TRP C 29 12.89 9.69 -21.48
N ALA C 30 12.28 10.64 -22.16
CA ALA C 30 11.80 11.82 -21.45
C ALA C 30 10.70 11.40 -20.46
N ALA C 31 9.85 10.45 -20.89
CA ALA C 31 8.75 9.96 -20.08
C ALA C 31 9.17 9.18 -18.83
N LEU C 32 10.29 8.47 -18.90
CA LEU C 32 10.78 7.68 -17.78
C LEU C 32 11.72 8.45 -16.88
N THR C 33 12.16 9.63 -17.33
CA THR C 33 13.13 10.39 -16.55
C THR C 33 12.81 11.84 -16.24
N SER C 34 11.67 12.33 -16.68
CA SER C 34 11.34 13.72 -16.38
C SER C 34 10.34 13.85 -15.25
N PRO C 35 10.69 14.62 -14.21
CA PRO C 35 9.83 14.84 -13.06
C PRO C 35 8.49 15.44 -13.47
N ALA C 36 8.50 16.12 -14.60
CA ALA C 36 7.28 16.75 -15.07
C ALA C 36 6.30 15.77 -15.67
N LEU C 37 6.80 14.64 -16.18
CA LEU C 37 5.95 13.65 -16.82
C LEU C 37 5.63 12.39 -16.02
N LEU C 38 6.57 11.90 -15.21
CA LEU C 38 6.34 10.68 -14.44
C LEU C 38 5.01 10.63 -13.68
N PRO C 39 4.59 11.73 -13.05
CA PRO C 39 3.33 11.77 -12.30
C PRO C 39 2.11 11.59 -13.21
N ALA C 40 2.31 11.80 -14.51
CA ALA C 40 1.22 11.65 -15.48
C ALA C 40 0.93 10.18 -15.79
N TRP C 41 1.86 9.28 -15.51
CA TRP C 41 1.59 7.88 -15.82
C TRP C 41 1.98 6.86 -14.77
N LEU C 42 3.07 7.11 -14.05
CA LEU C 42 3.56 6.14 -13.06
C LEU C 42 2.96 6.23 -11.66
N PHE C 43 1.75 5.69 -11.54
CA PHE C 43 1.00 5.66 -10.29
C PHE C 43 -0.01 4.54 -10.42
N ALA C 44 -0.65 4.18 -9.31
CA ALA C 44 -1.65 3.13 -9.34
C ALA C 44 -3.01 3.75 -9.05
N ARG C 45 -4.04 2.92 -9.10
CA ARG C 45 -5.40 3.35 -8.82
C ARG C 45 -5.46 3.87 -7.38
N GLY C 46 -5.79 5.15 -7.22
CA GLY C 46 -5.90 5.76 -5.90
C GLY C 46 -4.59 6.15 -5.20
N TRP C 47 -3.49 6.11 -5.93
CA TRP C 47 -2.22 6.47 -5.33
C TRP C 47 -1.44 7.46 -6.18
N PRO C 48 -1.94 8.70 -6.28
CA PRO C 48 -1.26 9.71 -7.08
C PRO C 48 0.16 9.97 -6.62
N THR C 50 2.75 12.14 -5.44
CA THR C 50 2.74 13.49 -4.89
C THR C 50 4.09 14.17 -4.82
N GLU C 51 5.15 13.43 -5.08
CA GLU C 51 6.46 14.05 -5.11
C GLU C 51 7.35 13.26 -6.06
N CYS C 52 8.11 13.97 -6.87
CA CYS C 52 9.04 13.33 -7.79
C CYS C 52 10.29 14.15 -8.06
N VAL C 53 11.43 13.61 -7.64
CA VAL C 53 12.73 14.22 -7.87
C VAL C 53 13.37 13.11 -8.67
N PHE C 54 13.81 13.40 -9.90
CA PHE C 54 14.46 12.40 -10.77
C PHE C 54 15.50 13.12 -11.62
N GLU C 55 16.76 12.85 -11.32
CA GLU C 55 17.89 13.48 -12.02
C GLU C 55 18.60 12.35 -12.77
N PRO C 56 18.36 12.22 -14.08
CA PRO C 56 18.96 11.17 -14.91
C PRO C 56 20.44 11.33 -15.25
N HIS C 57 21.29 11.44 -14.23
CA HIS C 57 22.71 11.55 -14.47
C HIS C 57 23.49 10.88 -13.33
N LYS C 58 24.75 10.58 -13.58
CA LYS C 58 25.54 9.91 -12.57
C LYS C 58 25.50 10.67 -11.23
N GLY C 59 25.10 9.95 -10.18
CA GLY C 59 25.00 10.49 -8.85
C GLY C 59 23.69 11.26 -8.63
N GLY C 60 22.84 11.29 -9.64
CA GLY C 60 21.59 12.01 -9.49
C GLY C 60 20.70 11.38 -8.45
N LEU C 61 19.94 12.20 -7.75
CA LEU C 61 19.03 11.71 -6.72
C LEU C 61 17.66 11.36 -7.29
N ILE C 62 17.05 10.32 -6.75
CA ILE C 62 15.70 9.89 -7.14
C ILE C 62 14.85 9.80 -5.86
N ARG C 63 13.73 10.51 -5.85
CA ARG C 63 12.83 10.47 -4.69
C ARG C 63 11.38 10.54 -5.14
N GLN C 64 10.66 9.43 -5.00
CA GLN C 64 9.26 9.38 -5.41
C GLN C 64 8.37 9.01 -4.25
N VAL C 65 7.24 9.69 -4.13
CA VAL C 65 6.30 9.45 -3.06
C VAL C 65 4.90 9.43 -3.60
N TRP C 66 4.11 8.47 -3.16
CA TRP C 66 2.70 8.38 -3.58
C TRP C 66 1.82 8.54 -2.35
N THR C 67 0.69 9.21 -2.48
CA THR C 67 -0.24 9.39 -1.36
C THR C 67 -1.51 8.64 -1.67
N GLY C 68 -1.88 7.71 -0.79
CA GLY C 68 -3.08 6.93 -1.01
C GLY C 68 -4.27 7.20 -0.11
N PRO C 69 -5.16 6.21 0.06
CA PRO C 69 -6.35 6.30 0.90
C PRO C 69 -5.92 6.79 2.28
N GLU C 70 -6.74 7.61 2.92
CA GLU C 70 -6.42 8.10 4.26
C GLU C 70 -5.10 8.84 4.39
N GLY C 71 -4.58 9.35 3.28
CA GLY C 71 -3.33 10.10 3.33
C GLY C 71 -2.07 9.31 3.70
N ARG C 72 -2.14 7.98 3.69
CA ARG C 72 -0.97 7.20 4.01
C ARG C 72 -0.03 7.23 2.81
N THR C 73 1.26 7.39 3.06
CA THR C 73 2.24 7.48 1.98
C THR C 73 3.08 6.23 1.70
N ARG C 74 3.60 6.17 0.48
CA ARG C 74 4.43 5.09 -0.01
C ARG C 74 5.52 5.76 -0.85
N GLY C 75 6.77 5.43 -0.59
CA GLY C 75 7.84 6.08 -1.33
C GLY C 75 9.18 5.35 -1.42
N LEU C 76 10.00 5.83 -2.34
CA LEU C 76 11.30 5.23 -2.53
C LEU C 76 12.40 6.27 -2.74
N THR C 77 13.64 5.83 -2.59
CA THR C 77 14.77 6.71 -2.78
C THR C 77 15.79 5.91 -3.56
N GLY C 78 16.62 6.63 -4.30
CA GLY C 78 17.63 5.94 -5.08
C GLY C 78 18.67 6.86 -5.62
N ARG C 79 19.67 6.27 -6.24
CA ARG C 79 20.75 7.04 -6.79
C ARG C 79 20.96 6.54 -8.22
N VAL C 80 20.93 7.44 -9.20
CA VAL C 80 21.20 7.01 -10.56
C VAL C 80 22.69 6.59 -10.60
N ILE C 81 23.00 5.38 -11.09
CA ILE C 81 24.39 4.90 -11.16
C ILE C 81 25.05 5.31 -12.50
N LEU C 82 24.31 5.18 -13.60
CA LEU C 82 24.83 5.58 -14.89
C LEU C 82 23.67 5.81 -15.83
N ALA C 83 23.80 6.80 -16.71
CA ALA C 83 22.72 7.17 -17.65
C ALA C 83 23.18 7.56 -19.06
N GLU C 84 22.83 6.73 -20.02
CA GLU C 84 23.19 6.97 -21.41
C GLU C 84 21.94 7.25 -22.23
N PRO C 85 21.47 8.50 -22.18
CA PRO C 85 20.29 8.90 -22.96
C PRO C 85 20.51 8.62 -24.44
N PRO C 86 19.58 7.89 -25.07
CA PRO C 86 18.39 7.40 -24.37
C PRO C 86 18.32 5.91 -23.96
N HIS C 87 19.32 5.12 -24.36
CA HIS C 87 19.28 3.66 -24.32
C HIS C 87 19.46 2.96 -22.99
N ARG C 88 20.03 3.66 -22.02
CA ARG C 88 20.24 2.99 -20.74
C ARG C 88 20.28 3.86 -19.50
N LEU C 89 19.70 3.33 -18.43
CA LEU C 89 19.66 3.99 -17.14
C LEU C 89 19.71 2.89 -16.08
N ILE C 90 20.54 3.08 -15.07
CA ILE C 90 20.65 2.09 -13.99
C ILE C 90 20.58 2.81 -12.64
N HIS C 91 19.55 2.55 -11.84
CA HIS C 91 19.49 3.23 -10.55
C HIS C 91 19.10 2.29 -9.42
N SER C 92 19.40 2.70 -8.20
CA SER C 92 19.05 1.89 -7.04
C SER C 92 17.67 2.31 -6.58
N GLU C 93 16.97 1.39 -5.93
CA GLU C 93 15.65 1.68 -5.40
C GLU C 93 15.56 1.07 -4.02
N LEU C 94 15.04 1.85 -3.08
CA LEU C 94 14.87 1.37 -1.72
C LEU C 94 13.61 2.03 -1.21
N TYR C 95 12.58 1.24 -0.94
CA TYR C 95 11.33 1.79 -0.43
C TYR C 95 11.51 2.12 1.04
N ASP C 96 10.68 3.03 1.55
CA ASP C 96 10.81 3.45 2.94
C ASP C 96 10.44 2.49 4.09
N GLU C 97 11.12 1.36 4.17
CA GLU C 97 10.86 0.41 5.26
C GLU C 97 11.99 -0.58 5.52
N ASP C 98 12.47 -0.56 6.77
CA ASP C 98 13.55 -1.40 7.26
C ASP C 98 13.71 -2.70 6.48
N GLY C 102 14.92 -5.31 0.70
CA GLY C 102 16.28 -4.88 0.52
C GLY C 102 16.44 -3.86 -0.61
N GLU C 103 17.67 -3.39 -0.81
CA GLU C 103 17.96 -2.40 -1.85
C GLU C 103 18.02 -3.07 -3.22
N THR C 104 17.19 -2.62 -4.16
CA THR C 104 17.21 -3.23 -5.48
C THR C 104 17.98 -2.40 -6.50
N LEU C 105 18.33 -3.03 -7.61
CA LEU C 105 19.04 -2.32 -8.66
C LEU C 105 18.17 -2.45 -9.88
N VAL C 106 17.67 -1.31 -10.35
CA VAL C 106 16.81 -1.26 -11.52
C VAL C 106 17.57 -0.91 -12.77
N THR C 107 17.29 -1.62 -13.84
CA THR C 107 17.97 -1.39 -15.10
C THR C 107 16.95 -1.13 -16.21
N LEU C 108 17.12 -0.02 -16.92
CA LEU C 108 16.24 0.33 -18.02
C LEU C 108 17.08 0.34 -19.27
N GLN C 109 16.60 -0.37 -20.28
CA GLN C 109 17.30 -0.49 -21.55
C GLN C 109 16.26 -0.30 -22.65
N LEU C 110 16.55 0.65 -23.56
CA LEU C 110 15.63 0.97 -24.64
C LEU C 110 16.16 0.68 -26.02
N LEU C 111 15.51 -0.21 -26.75
CA LEU C 111 16.01 -0.48 -28.10
C LEU C 111 14.98 -0.13 -29.15
N PRO C 112 15.42 0.50 -30.24
CA PRO C 112 14.46 0.84 -31.29
C PRO C 112 14.03 -0.41 -32.06
N VAL C 113 12.73 -0.72 -32.06
CA VAL C 113 12.17 -1.88 -32.79
C VAL C 113 11.13 -1.35 -33.78
N GLU C 114 10.69 -2.21 -34.70
CA GLU C 114 9.73 -1.77 -35.69
C GLU C 114 8.38 -1.42 -35.06
N GLY C 115 8.00 -0.16 -35.23
CA GLY C 115 6.76 0.33 -34.68
C GLY C 115 7.03 1.47 -33.71
N GLY C 116 8.09 1.31 -32.92
CA GLY C 116 8.46 2.32 -31.95
C GLY C 116 9.70 1.96 -31.14
N THR C 117 9.52 1.71 -29.85
CA THR C 117 10.62 1.36 -28.93
C THR C 117 10.25 0.22 -27.99
N GLU C 118 11.25 -0.58 -27.60
CA GLU C 118 10.98 -1.69 -26.68
C GLU C 118 11.67 -1.41 -25.36
N LEU C 119 10.90 -1.50 -24.26
CA LEU C 119 11.45 -1.24 -22.93
C LEU C 119 11.74 -2.52 -22.14
N ALA C 120 13.01 -2.80 -21.90
CA ALA C 120 13.39 -3.97 -21.12
C ALA C 120 13.73 -3.49 -19.71
N ALA C 122 14.79 -4.67 -15.67
CA ALA C 122 15.30 -5.73 -14.85
C ALA C 122 15.50 -5.19 -13.46
N VAL C 123 15.07 -5.96 -12.48
CA VAL C 123 15.22 -5.60 -11.07
C VAL C 123 16.05 -6.66 -10.37
N ASP C 124 17.24 -6.29 -9.89
CA ASP C 124 18.09 -7.25 -9.18
C ASP C 124 17.87 -7.10 -7.68
N TYR C 125 17.59 -8.20 -7.00
CA TYR C 125 17.36 -8.15 -5.57
C TYR C 125 18.64 -8.56 -4.86
N ALA C 126 18.65 -8.37 -3.55
CA ALA C 126 19.80 -8.70 -2.71
C ALA C 126 19.98 -10.18 -2.55
N THR C 127 18.92 -10.84 -2.08
CA THR C 127 18.96 -12.27 -1.83
C THR C 127 17.93 -13.04 -2.65
N PRO C 128 18.09 -14.36 -2.73
CA PRO C 128 17.13 -15.17 -3.49
C PRO C 128 15.77 -15.06 -2.79
N GLU C 129 15.80 -14.72 -1.49
CA GLU C 129 14.59 -14.56 -0.68
C GLU C 129 13.98 -13.18 -0.75
N ALA C 130 14.82 -12.15 -0.85
CA ALA C 130 14.28 -10.79 -0.96
C ALA C 130 13.41 -10.84 -2.23
N ARG C 131 13.79 -11.74 -3.13
CA ARG C 131 13.07 -11.97 -4.37
C ARG C 131 11.83 -12.81 -4.09
N ASP C 132 11.93 -13.72 -3.12
CA ASP C 132 10.84 -14.61 -2.73
C ASP C 132 9.74 -13.92 -1.96
N ALA C 133 10.08 -12.81 -1.30
CA ALA C 133 9.08 -12.08 -0.52
C ALA C 133 8.32 -11.17 -1.43
N VAL C 134 8.71 -11.16 -2.71
CA VAL C 134 8.06 -10.34 -3.74
C VAL C 134 7.26 -11.23 -4.67
N ALA C 135 6.07 -10.77 -5.01
CA ALA C 135 5.20 -11.51 -5.90
C ALA C 135 5.22 -10.90 -7.28
N ALA C 136 5.75 -11.63 -8.25
CA ALA C 136 5.79 -11.16 -9.63
C ALA C 136 4.33 -10.97 -10.06
N SER C 137 3.42 -11.25 -9.13
CA SER C 137 1.96 -11.20 -9.25
C SER C 137 1.23 -9.90 -9.55
N ALA C 138 1.14 -9.06 -8.52
CA ALA C 138 0.49 -7.78 -8.59
C ALA C 138 1.53 -6.74 -8.94
N ALA C 140 3.68 -7.16 -11.57
CA ALA C 140 3.73 -7.12 -13.04
C ALA C 140 2.41 -6.53 -13.54
N THR C 141 1.41 -6.60 -12.70
CA THR C 141 0.09 -6.17 -13.00
C THR C 141 0.02 -4.72 -12.67
N GLU C 142 0.95 -4.26 -11.89
CA GLU C 142 0.95 -2.87 -11.54
C GLU C 142 1.76 -2.08 -12.56
N GLU C 144 1.95 -2.90 -15.59
CA GLU C 144 1.19 -2.90 -16.79
C GLU C 144 0.14 -1.87 -16.68
N GLU C 145 -0.53 -1.84 -15.55
CA GLU C 145 -1.49 -0.77 -15.38
C GLU C 145 -0.80 0.57 -15.63
N ALA C 146 0.42 0.76 -15.15
CA ALA C 146 1.11 2.05 -15.36
C ALA C 146 1.53 2.28 -16.82
N TYR C 147 1.94 1.22 -17.52
CA TYR C 147 2.32 1.33 -18.91
C TYR C 147 1.11 1.71 -19.75
N ARG C 148 -0.06 1.29 -19.30
CA ARG C 148 -1.28 1.64 -20.01
C ARG C 148 -1.41 3.18 -19.95
N HIS C 149 -1.28 3.79 -18.78
CA HIS C 149 -1.37 5.25 -18.65
C HIS C 149 -0.34 5.87 -19.60
N LEU C 150 0.87 5.31 -19.59
CA LEU C 150 1.93 5.80 -20.46
C LEU C 150 1.51 5.71 -21.91
N ASP C 151 0.76 4.66 -22.26
CA ASP C 151 0.30 4.50 -23.63
C ASP C 151 -0.58 5.68 -24.03
N VAL C 152 -1.60 5.94 -23.22
CA VAL C 152 -2.54 7.03 -23.46
C VAL C 152 -1.84 8.38 -23.56
N LEU C 154 1.42 9.14 -24.32
CA LEU C 154 2.19 9.20 -25.55
C LEU C 154 1.23 9.53 -26.70
N ALA C 155 0.15 8.76 -26.81
CA ALA C 155 -0.84 8.98 -27.86
C ALA C 155 -1.40 10.41 -27.84
N ALA C 156 -1.70 10.91 -26.64
CA ALA C 156 -2.24 12.26 -26.48
C ALA C 156 -1.25 13.37 -26.88
N LEU C 157 0.03 13.02 -26.98
CA LEU C 157 1.06 13.98 -27.35
C LEU C 157 1.30 13.92 -28.87
N GLU C 158 0.25 14.27 -29.63
CA GLU C 158 0.27 14.27 -31.09
C GLU C 158 0.45 12.90 -31.71
N GLU D 4 -22.92 -19.62 18.02
CA GLU D 4 -23.57 -18.70 18.99
C GLU D 4 -23.55 -17.26 18.49
N ILE D 5 -23.43 -17.09 17.18
CA ILE D 5 -23.43 -15.75 16.59
C ILE D 5 -24.88 -15.44 16.24
N GLN D 6 -25.35 -14.27 16.67
CA GLN D 6 -26.73 -13.89 16.44
C GLN D 6 -26.92 -12.71 15.49
N ILE D 7 -27.65 -12.95 14.40
CA ILE D 7 -27.93 -11.91 13.43
C ILE D 7 -29.02 -11.04 14.05
N GLY D 8 -28.87 -9.73 13.94
CA GLY D 8 -29.85 -8.82 14.51
C GLY D 8 -30.82 -8.30 13.46
N PRO D 9 -31.84 -7.54 13.89
CA PRO D 9 -32.82 -6.99 12.94
C PRO D 9 -32.14 -6.02 11.98
N GLY D 10 -31.32 -5.16 12.55
CA GLY D 10 -30.62 -4.20 11.73
C GLY D 10 -31.63 -3.33 11.02
N SER D 11 -31.28 -2.88 9.83
CA SER D 11 -32.17 -2.02 9.08
C SER D 11 -31.86 -2.15 7.60
N ALA D 12 -32.28 -1.19 6.78
CA ALA D 12 -32.07 -1.25 5.34
C ALA D 12 -30.69 -0.79 4.86
N THR D 13 -29.86 -0.36 5.80
CA THR D 13 -28.50 0.08 5.50
C THR D 13 -27.68 -0.15 6.77
N ARG D 14 -28.03 -1.21 7.50
CA ARG D 14 -27.34 -1.54 8.75
C ARG D 14 -27.49 -3.01 9.16
N LEU D 15 -26.36 -3.69 9.35
CA LEU D 15 -26.36 -5.09 9.76
C LEU D 15 -25.81 -5.19 11.18
N GLU D 16 -26.50 -5.96 12.02
CA GLU D 16 -26.08 -6.13 13.39
C GLU D 16 -25.64 -7.57 13.65
N PHE D 17 -24.81 -7.76 14.67
CA PHE D 17 -24.30 -9.06 15.03
C PHE D 17 -23.95 -9.03 16.52
N ARG D 18 -24.15 -10.14 17.19
CA ARG D 18 -23.82 -10.25 18.62
C ARG D 18 -23.23 -11.63 18.82
N ARG D 19 -22.22 -11.72 19.68
CA ARG D 19 -21.56 -12.99 19.95
C ARG D 19 -20.94 -13.01 21.33
N HIS D 20 -21.12 -14.13 22.04
CA HIS D 20 -20.56 -14.29 23.37
C HIS D 20 -19.12 -14.79 23.27
N PHE D 21 -18.30 -14.42 24.25
CA PHE D 21 -16.90 -14.82 24.34
C PHE D 21 -16.55 -15.08 25.79
N ALA D 22 -15.85 -16.17 26.04
CA ALA D 22 -15.45 -16.49 27.40
C ALA D 22 -14.13 -15.80 27.74
N ALA D 23 -14.22 -14.55 28.18
CA ALA D 23 -13.03 -13.76 28.56
C ALA D 23 -13.44 -12.33 28.99
N THR D 24 -12.56 -11.69 29.76
CA THR D 24 -12.84 -10.35 30.24
C THR D 24 -12.77 -9.37 29.08
N PRO D 25 -13.67 -8.38 29.04
CA PRO D 25 -13.65 -7.41 27.94
C PRO D 25 -12.27 -6.76 27.70
N GLU D 26 -11.41 -6.72 28.72
CA GLU D 26 -10.08 -6.14 28.53
C GLU D 26 -9.26 -7.03 27.59
N GLN D 27 -9.44 -8.34 27.72
CA GLN D 27 -8.74 -9.34 26.89
C GLN D 27 -9.34 -9.32 25.48
N LEU D 28 -10.65 -9.25 25.40
CA LEU D 28 -11.34 -9.23 24.11
C LEU D 28 -11.02 -7.95 23.33
N TRP D 29 -10.58 -6.90 24.03
CA TRP D 29 -10.24 -5.64 23.40
C TRP D 29 -8.84 -5.75 22.82
N ALA D 30 -7.92 -6.30 23.60
CA ALA D 30 -6.56 -6.45 23.15
C ALA D 30 -6.53 -7.38 21.94
N ALA D 31 -7.53 -8.25 21.84
CA ALA D 31 -7.59 -9.19 20.73
C ALA D 31 -8.19 -8.54 19.48
N LEU D 32 -9.15 -7.64 19.68
CA LEU D 32 -9.80 -6.96 18.58
C LEU D 32 -9.01 -5.75 18.12
N THR D 33 -8.02 -5.32 18.88
CA THR D 33 -7.28 -4.11 18.49
C THR D 33 -5.76 -4.17 18.48
N SER D 34 -5.17 -5.34 18.71
CA SER D 34 -3.71 -5.43 18.68
C SER D 34 -3.24 -6.03 17.37
N PRO D 35 -2.27 -5.38 16.74
CA PRO D 35 -1.71 -5.83 15.47
C PRO D 35 -0.99 -7.16 15.62
N ALA D 36 -0.57 -7.48 16.84
CA ALA D 36 0.14 -8.71 17.07
C ALA D 36 -0.80 -9.91 17.26
N LEU D 37 -2.06 -9.62 17.60
CA LEU D 37 -3.07 -10.65 17.83
C LEU D 37 -4.09 -10.86 16.73
N LEU D 38 -4.48 -9.80 16.04
CA LEU D 38 -5.47 -9.92 14.99
C LEU D 38 -5.23 -11.01 13.94
N PRO D 39 -3.96 -11.20 13.51
CA PRO D 39 -3.63 -12.22 12.49
C PRO D 39 -3.71 -13.65 13.02
N ALA D 40 -3.92 -13.79 14.33
CA ALA D 40 -4.01 -15.11 14.94
C ALA D 40 -5.44 -15.64 14.90
N TRP D 41 -6.40 -14.79 14.54
CA TRP D 41 -7.77 -15.23 14.49
C TRP D 41 -8.60 -14.62 13.37
N LEU D 42 -8.27 -13.41 12.96
CA LEU D 42 -9.03 -12.73 11.91
C LEU D 42 -8.55 -12.97 10.49
N PHE D 43 -9.03 -14.08 9.92
CA PHE D 43 -8.67 -14.46 8.56
C PHE D 43 -9.61 -15.58 8.16
N ALA D 44 -9.62 -15.92 6.87
CA ALA D 44 -10.45 -16.98 6.37
C ALA D 44 -9.60 -18.12 5.88
N ARG D 45 -10.23 -19.26 5.68
CA ARG D 45 -9.59 -20.46 5.19
C ARG D 45 -8.82 -20.09 3.91
N GLY D 46 -7.49 -20.15 3.96
CA GLY D 46 -6.69 -19.83 2.77
C GLY D 46 -6.41 -18.34 2.51
N TRP D 47 -6.71 -17.49 3.48
CA TRP D 47 -6.42 -16.07 3.32
C TRP D 47 -5.78 -15.50 4.57
N PRO D 48 -4.54 -15.91 4.84
CA PRO D 48 -3.82 -15.41 6.01
C PRO D 48 -3.70 -13.89 5.98
N THR D 50 -1.68 -10.95 5.98
CA THR D 50 -0.27 -10.65 5.79
C THR D 50 0.14 -9.25 6.23
N GLU D 51 -0.81 -8.34 6.33
CA GLU D 51 -0.45 -7.01 6.80
C GLU D 51 -1.52 -6.52 7.76
N CYS D 52 -1.08 -5.98 8.90
CA CYS D 52 -2.00 -5.45 9.89
C CYS D 52 -1.45 -4.26 10.68
N VAL D 53 -1.98 -3.08 10.37
CA VAL D 53 -1.66 -1.82 11.02
C VAL D 53 -2.99 -1.52 11.72
N PHE D 54 -3.00 -1.28 13.02
CA PHE D 54 -4.25 -0.99 13.72
C PHE D 54 -3.96 -0.15 14.96
N GLU D 55 -4.37 1.11 14.90
CA GLU D 55 -4.12 2.03 16.02
C GLU D 55 -5.46 2.42 16.64
N PRO D 56 -5.80 1.80 17.78
CA PRO D 56 -7.06 2.08 18.49
C PRO D 56 -7.10 3.40 19.25
N HIS D 57 -7.12 4.49 18.49
CA HIS D 57 -7.20 5.83 19.07
C HIS D 57 -7.72 6.79 18.02
N LYS D 58 -8.28 7.91 18.48
CA LYS D 58 -8.85 8.87 17.56
C LYS D 58 -7.88 9.27 16.47
N GLY D 59 -8.30 9.07 15.23
CA GLY D 59 -7.49 9.41 14.07
C GLY D 59 -6.47 8.37 13.62
N GLY D 60 -6.33 7.28 14.37
CA GLY D 60 -5.37 6.26 14.02
C GLY D 60 -5.76 5.52 12.74
N LEU D 61 -4.75 5.03 12.05
CA LEU D 61 -4.94 4.31 10.80
C LEU D 61 -5.19 2.81 11.01
N ILE D 62 -5.97 2.25 10.09
CA ILE D 62 -6.28 0.83 10.06
C ILE D 62 -5.96 0.37 8.65
N ARG D 63 -5.12 -0.65 8.53
CA ARG D 63 -4.76 -1.16 7.23
C ARG D 63 -4.58 -2.66 7.34
N GLN D 64 -5.48 -3.43 6.73
CA GLN D 64 -5.42 -4.91 6.76
C GLN D 64 -5.43 -5.49 5.37
N VAL D 65 -4.53 -6.44 5.13
CA VAL D 65 -4.39 -7.11 3.85
C VAL D 65 -4.35 -8.62 4.05
N TRP D 66 -5.08 -9.34 3.21
CA TRP D 66 -5.07 -10.81 3.27
C TRP D 66 -4.55 -11.31 1.92
N THR D 67 -3.79 -12.40 1.95
CA THR D 67 -3.24 -12.98 0.73
C THR D 67 -3.80 -14.37 0.55
N GLY D 68 -4.46 -14.60 -0.58
CA GLY D 68 -5.03 -15.90 -0.83
C GLY D 68 -4.35 -16.65 -1.95
N PRO D 69 -5.09 -17.54 -2.62
CA PRO D 69 -4.67 -18.37 -3.76
C PRO D 69 -3.88 -17.56 -4.78
N GLU D 70 -2.82 -18.13 -5.34
CA GLU D 70 -2.04 -17.45 -6.37
C GLU D 70 -1.53 -16.07 -6.01
N GLY D 71 -1.50 -15.77 -4.72
CA GLY D 71 -1.01 -14.46 -4.29
C GLY D 71 -1.94 -13.28 -4.51
N ARG D 72 -3.23 -13.54 -4.71
CA ARG D 72 -4.20 -12.45 -4.89
C ARG D 72 -4.50 -11.82 -3.56
N THR D 73 -4.46 -10.49 -3.49
CA THR D 73 -4.71 -9.84 -2.23
C THR D 73 -6.12 -9.30 -2.05
N ARG D 74 -6.41 -9.01 -0.81
CA ARG D 74 -7.68 -8.48 -0.39
C ARG D 74 -7.33 -7.57 0.78
N GLY D 75 -7.75 -6.32 0.69
CA GLY D 75 -7.42 -5.39 1.75
C GLY D 75 -8.41 -4.28 2.03
N LEU D 76 -8.29 -3.72 3.21
CA LEU D 76 -9.16 -2.64 3.61
C LEU D 76 -8.37 -1.56 4.34
N THR D 77 -8.90 -0.36 4.33
CA THR D 77 -8.26 0.77 4.98
C THR D 77 -9.37 1.46 5.72
N GLY D 78 -9.00 2.12 6.80
CA GLY D 78 -9.97 2.85 7.58
C GLY D 78 -9.34 3.85 8.53
N ARG D 79 -10.20 4.57 9.22
CA ARG D 79 -9.76 5.57 10.15
C ARG D 79 -10.58 5.33 11.42
N VAL D 80 -9.91 5.19 12.55
CA VAL D 80 -10.65 5.05 13.81
C VAL D 80 -11.30 6.42 14.07
N ILE D 81 -12.57 6.43 14.45
CA ILE D 81 -13.29 7.69 14.71
C ILE D 81 -13.26 8.02 16.20
N LEU D 82 -13.52 7.03 17.05
CA LEU D 82 -13.48 7.21 18.49
C LEU D 82 -13.20 5.87 19.12
N ALA D 83 -12.39 5.88 20.17
CA ALA D 83 -11.99 4.66 20.86
C ALA D 83 -12.05 4.77 22.38
N GLU D 84 -12.95 3.98 22.98
CA GLU D 84 -13.10 3.99 24.43
C GLU D 84 -12.77 2.61 24.99
N PRO D 85 -11.47 2.34 25.21
CA PRO D 85 -11.12 1.02 25.74
C PRO D 85 -11.69 0.88 27.14
N PRO D 86 -12.33 -0.27 27.41
CA PRO D 86 -12.44 -1.30 26.38
C PRO D 86 -13.75 -1.44 25.59
N HIS D 87 -14.76 -0.66 25.94
CA HIS D 87 -16.16 -0.89 25.57
C HIS D 87 -16.60 -0.40 24.21
N ARG D 88 -15.85 0.52 23.62
CA ARG D 88 -16.28 1.00 22.34
C ARG D 88 -15.20 1.48 21.37
N LEU D 89 -15.41 1.15 20.10
CA LEU D 89 -14.51 1.55 19.04
C LEU D 89 -15.30 1.69 17.74
N ILE D 90 -15.12 2.82 17.07
CA ILE D 90 -15.81 3.07 15.81
C ILE D 90 -14.77 3.38 14.73
N HIS D 91 -14.87 2.75 13.58
CA HIS D 91 -13.93 3.06 12.50
C HIS D 91 -14.57 2.86 11.15
N SER D 92 -13.96 3.47 10.15
CA SER D 92 -14.45 3.37 8.79
C SER D 92 -13.75 2.18 8.15
N GLU D 93 -14.35 1.65 7.10
CA GLU D 93 -13.77 0.53 6.36
C GLU D 93 -14.05 0.76 4.90
N LEU D 94 -13.07 0.46 4.07
CA LEU D 94 -13.23 0.60 2.63
C LEU D 94 -12.31 -0.37 1.97
N TYR D 95 -12.91 -1.39 1.36
CA TYR D 95 -12.18 -2.37 0.60
C TYR D 95 -12.25 -1.66 -0.75
N ASP D 96 -12.26 -2.46 -1.80
CA ASP D 96 -12.26 -1.99 -3.19
C ASP D 96 -13.50 -1.91 -4.09
N GLU D 97 -13.26 -1.50 -5.33
CA GLU D 97 -14.30 -1.31 -6.35
C GLU D 97 -15.04 -2.58 -6.76
N GLU D 103 -18.07 2.94 1.32
CA GLU D 103 -17.43 3.18 2.62
C GLU D 103 -18.36 2.92 3.79
N THR D 104 -18.08 1.87 4.56
CA THR D 104 -18.92 1.54 5.70
C THR D 104 -18.40 2.11 7.00
N LEU D 105 -19.21 2.01 8.04
CA LEU D 105 -18.81 2.48 9.36
C LEU D 105 -19.06 1.33 10.32
N VAL D 106 -18.01 0.91 11.00
CA VAL D 106 -18.06 -0.21 11.93
C VAL D 106 -18.04 0.17 13.41
N THR D 107 -19.04 -0.29 14.14
CA THR D 107 -19.13 -0.01 15.58
C THR D 107 -18.92 -1.31 16.35
N LEU D 108 -18.11 -1.24 17.40
CA LEU D 108 -17.83 -2.41 18.23
C LEU D 108 -18.11 -2.07 19.69
N GLN D 109 -19.09 -2.76 20.28
CA GLN D 109 -19.48 -2.54 21.67
C GLN D 109 -19.23 -3.81 22.49
N LEU D 110 -18.51 -3.66 23.60
CA LEU D 110 -18.21 -4.79 24.47
C LEU D 110 -18.84 -4.64 25.86
N LEU D 111 -19.92 -5.35 26.10
CA LEU D 111 -20.61 -5.29 27.39
C LEU D 111 -20.45 -6.58 28.17
N PRO D 112 -19.98 -6.50 29.43
CA PRO D 112 -19.80 -7.71 30.25
C PRO D 112 -21.13 -8.43 30.48
N VAL D 113 -21.13 -9.74 30.30
CA VAL D 113 -22.32 -10.57 30.49
C VAL D 113 -21.90 -11.76 31.34
N GLU D 114 -22.87 -12.44 31.94
CA GLU D 114 -22.60 -13.60 32.78
C GLU D 114 -21.91 -14.69 31.97
N GLY D 115 -20.63 -14.91 32.26
CA GLY D 115 -19.87 -15.93 31.55
C GLY D 115 -18.58 -15.37 30.97
N GLY D 116 -18.62 -14.10 30.57
CA GLY D 116 -17.46 -13.46 29.99
C GLY D 116 -17.94 -12.12 29.45
N THR D 117 -17.97 -11.97 28.12
CA THR D 117 -18.21 -10.69 27.45
C THR D 117 -19.06 -10.88 26.19
N GLU D 118 -19.89 -9.88 25.87
CA GLU D 118 -20.72 -9.97 24.68
C GLU D 118 -20.21 -8.96 23.67
N LEU D 119 -20.11 -9.38 22.42
CA LEU D 119 -19.62 -8.50 21.37
C LEU D 119 -20.75 -8.18 20.39
N ALA D 120 -21.08 -6.90 20.31
CA ALA D 120 -22.12 -6.47 19.39
C ALA D 120 -21.43 -5.64 18.33
N ALA D 122 -21.87 -3.62 14.61
CA ALA D 122 -22.77 -3.05 13.63
C ALA D 122 -21.95 -2.52 12.48
N VAL D 123 -22.51 -2.61 11.29
CA VAL D 123 -21.85 -2.14 10.09
C VAL D 123 -22.89 -1.37 9.27
N ASP D 124 -22.72 -0.06 9.14
CA ASP D 124 -23.65 0.78 8.39
C ASP D 124 -23.15 1.01 6.99
N TYR D 125 -24.04 0.92 6.03
CA TYR D 125 -23.64 1.09 4.65
C TYR D 125 -24.17 2.41 4.09
N ALA D 126 -23.66 2.78 2.93
CA ALA D 126 -24.03 4.03 2.32
C ALA D 126 -25.43 4.10 1.79
N THR D 127 -25.81 3.08 1.05
CA THR D 127 -27.14 3.03 0.45
C THR D 127 -27.86 1.77 0.86
N PRO D 128 -29.14 1.66 0.50
CA PRO D 128 -29.88 0.45 0.86
C PRO D 128 -29.41 -0.75 0.03
N GLU D 129 -28.95 -0.49 -1.18
CA GLU D 129 -28.49 -1.56 -2.08
C GLU D 129 -27.09 -2.07 -1.77
N ALA D 130 -26.28 -1.22 -1.15
CA ALA D 130 -24.93 -1.61 -0.77
C ALA D 130 -25.07 -2.60 0.39
N ARG D 131 -26.17 -2.50 1.13
CA ARG D 131 -26.43 -3.39 2.26
C ARG D 131 -27.11 -4.66 1.75
N ASP D 132 -27.67 -4.57 0.54
CA ASP D 132 -28.33 -5.71 -0.06
C ASP D 132 -27.23 -6.67 -0.52
N ALA D 133 -26.36 -6.17 -1.40
CA ALA D 133 -25.26 -6.95 -1.94
C ALA D 133 -24.50 -7.72 -0.85
N VAL D 134 -24.42 -7.14 0.35
CA VAL D 134 -23.68 -7.77 1.44
C VAL D 134 -24.42 -8.87 2.22
N ALA D 135 -25.73 -8.74 2.39
CA ALA D 135 -26.48 -9.76 3.13
C ALA D 135 -26.45 -11.08 2.36
N ALA D 136 -26.12 -11.00 1.07
CA ALA D 136 -26.04 -12.16 0.21
C ALA D 136 -24.63 -12.66 0.16
N SER D 137 -23.87 -12.32 1.19
CA SER D 137 -22.49 -12.73 1.27
C SER D 137 -22.29 -13.58 2.51
N ALA D 138 -21.63 -14.73 2.35
CA ALA D 138 -21.35 -15.60 3.48
C ALA D 138 -20.39 -14.82 4.37
N ALA D 140 -21.48 -13.48 7.18
CA ALA D 140 -21.84 -13.86 8.54
C ALA D 140 -21.17 -15.20 8.84
N THR D 141 -21.01 -16.01 7.80
CA THR D 141 -20.35 -17.31 7.90
C THR D 141 -18.87 -17.12 8.22
N GLU D 142 -18.19 -16.34 7.40
CA GLU D 142 -16.80 -16.05 7.62
C GLU D 142 -16.52 -15.40 8.94
N GLU D 144 -18.19 -15.94 11.73
CA GLU D 144 -18.27 -16.91 12.79
C GLU D 144 -17.07 -17.77 12.70
N GLU D 145 -16.67 -18.11 11.49
CA GLU D 145 -15.46 -18.91 11.37
C GLU D 145 -14.30 -18.19 12.06
N ALA D 146 -14.26 -16.86 11.94
CA ALA D 146 -13.19 -16.08 12.56
C ALA D 146 -13.30 -16.04 14.08
N TYR D 147 -14.51 -15.87 14.59
CA TYR D 147 -14.69 -15.84 16.04
C TYR D 147 -14.32 -17.19 16.59
N ARG D 148 -14.60 -18.24 15.81
CA ARG D 148 -14.26 -19.59 16.23
C ARG D 148 -12.74 -19.62 16.54
N HIS D 149 -11.92 -19.09 15.62
CA HIS D 149 -10.46 -19.03 15.83
C HIS D 149 -10.15 -18.21 17.08
N LEU D 150 -10.91 -17.14 17.28
CA LEU D 150 -10.72 -16.27 18.44
C LEU D 150 -11.05 -17.03 19.72
N ASP D 151 -12.03 -17.93 19.64
CA ASP D 151 -12.42 -18.76 20.78
C ASP D 151 -11.21 -19.57 21.21
N VAL D 152 -10.68 -20.35 20.27
CA VAL D 152 -9.52 -21.21 20.50
C VAL D 152 -8.29 -20.47 20.99
N LEU D 154 -8.23 -17.58 22.65
CA LEU D 154 -8.47 -17.06 23.99
C LEU D 154 -8.30 -18.24 24.96
N ALA D 155 -8.92 -19.36 24.60
CA ALA D 155 -8.84 -20.57 25.40
C ALA D 155 -7.39 -21.00 25.61
N ALA D 156 -6.57 -20.84 24.60
CA ALA D 156 -5.16 -21.23 24.71
C ALA D 156 -4.34 -20.27 25.55
N LEU D 157 -4.90 -19.09 25.84
CA LEU D 157 -4.18 -18.10 26.62
C LEU D 157 -4.48 -18.23 28.11
N GLU E 4 -30.14 55.45 -23.78
CA GLU E 4 -29.56 55.15 -25.12
C GLU E 4 -28.54 53.97 -25.14
N ILE E 5 -28.54 53.18 -26.22
CA ILE E 5 -27.64 52.02 -26.31
C ILE E 5 -26.20 52.32 -26.75
N GLN E 6 -25.26 51.83 -25.94
CA GLN E 6 -23.81 52.02 -26.17
C GLN E 6 -23.12 50.75 -26.67
N ILE E 7 -22.42 50.83 -27.79
CA ILE E 7 -21.71 49.66 -28.29
C ILE E 7 -20.42 49.53 -27.47
N GLY E 8 -20.09 48.32 -27.07
CA GLY E 8 -18.88 48.08 -26.29
C GLY E 8 -17.70 47.70 -27.19
N PRO E 9 -16.49 47.61 -26.63
CA PRO E 9 -15.33 47.26 -27.45
C PRO E 9 -15.49 45.86 -28.05
N GLY E 10 -15.83 44.90 -27.18
CA GLY E 10 -16.02 43.54 -27.62
C GLY E 10 -14.72 42.81 -27.90
N SER E 11 -14.68 42.17 -29.06
CA SER E 11 -13.52 41.40 -29.47
C SER E 11 -13.67 40.99 -30.94
N ALA E 12 -12.86 40.03 -31.38
CA ALA E 12 -12.93 39.55 -32.75
C ALA E 12 -14.03 38.51 -32.90
N THR E 13 -14.54 38.01 -31.78
CA THR E 13 -15.60 37.00 -31.78
C THR E 13 -16.68 37.39 -30.80
N ARG E 14 -16.68 38.66 -30.37
CA ARG E 14 -17.64 39.12 -29.38
C ARG E 14 -18.16 40.53 -29.53
N LEU E 15 -19.48 40.68 -29.52
CA LEU E 15 -20.13 41.98 -29.60
C LEU E 15 -20.78 42.29 -28.25
N GLU E 16 -20.52 43.49 -27.74
CA GLU E 16 -21.06 43.91 -26.45
C GLU E 16 -22.02 45.08 -26.62
N PHE E 17 -22.95 45.20 -25.67
CA PHE E 17 -23.94 46.28 -25.69
C PHE E 17 -24.29 46.62 -24.26
N ARG E 18 -24.78 47.83 -24.07
CA ARG E 18 -25.18 48.29 -22.74
C ARG E 18 -26.33 49.25 -22.92
N ARG E 19 -27.32 49.17 -22.03
CA ARG E 19 -28.47 50.04 -22.14
C ARG E 19 -29.19 50.19 -20.80
N HIS E 20 -29.43 51.43 -20.38
CA HIS E 20 -30.12 51.69 -19.11
C HIS E 20 -31.65 51.57 -19.25
N PHE E 21 -32.31 51.20 -18.16
CA PHE E 21 -33.77 51.05 -18.11
C PHE E 21 -34.32 51.52 -16.77
N ALA E 22 -35.47 52.19 -16.80
CA ALA E 22 -36.06 52.69 -15.57
C ALA E 22 -36.98 51.67 -14.89
N ALA E 23 -36.37 50.67 -14.24
CA ALA E 23 -37.16 49.65 -13.55
C ALA E 23 -36.24 48.82 -12.67
N THR E 24 -36.80 48.09 -11.71
CA THR E 24 -35.98 47.25 -10.83
C THR E 24 -35.61 45.99 -11.61
N PRO E 25 -34.40 45.46 -11.37
CA PRO E 25 -33.97 44.24 -12.08
C PRO E 25 -34.96 43.06 -12.05
N GLU E 26 -35.88 43.04 -11.08
CA GLU E 26 -36.87 41.96 -10.97
C GLU E 26 -37.87 42.08 -12.11
N GLN E 27 -38.23 43.32 -12.43
CA GLN E 27 -39.20 43.61 -13.48
C GLN E 27 -38.55 43.39 -14.84
N LEU E 28 -37.34 43.91 -14.99
CA LEU E 28 -36.63 43.78 -16.24
C LEU E 28 -36.36 42.30 -16.55
N TRP E 29 -36.22 41.47 -15.52
CA TRP E 29 -35.97 40.06 -15.74
C TRP E 29 -37.22 39.41 -16.30
N ALA E 30 -38.35 39.84 -15.78
CA ALA E 30 -39.65 39.34 -16.22
C ALA E 30 -39.93 39.74 -17.65
N ALA E 31 -39.50 40.95 -18.02
CA ALA E 31 -39.72 41.46 -19.37
C ALA E 31 -38.84 40.79 -20.40
N LEU E 32 -37.68 40.32 -19.98
CA LEU E 32 -36.73 39.67 -20.87
C LEU E 32 -36.90 38.16 -20.93
N THR E 33 -37.65 37.60 -19.99
CA THR E 33 -37.80 36.14 -19.95
C THR E 33 -39.22 35.55 -20.05
N SER E 34 -40.23 36.37 -19.80
CA SER E 34 -41.61 35.88 -19.85
C SER E 34 -42.23 35.86 -21.26
N PRO E 35 -42.83 34.73 -21.65
CA PRO E 35 -43.44 34.59 -22.98
C PRO E 35 -44.71 35.46 -23.08
N ALA E 36 -45.20 35.88 -21.92
CA ALA E 36 -46.38 36.72 -21.88
C ALA E 36 -46.02 38.19 -22.15
N LEU E 37 -44.79 38.59 -21.86
CA LEU E 37 -44.32 39.97 -22.08
C LEU E 37 -43.45 40.18 -23.32
N LEU E 38 -42.60 39.22 -23.62
CA LEU E 38 -41.72 39.32 -24.79
C LEU E 38 -42.41 39.78 -26.09
N PRO E 39 -43.58 39.19 -26.42
CA PRO E 39 -44.27 39.58 -27.66
C PRO E 39 -44.62 41.07 -27.67
N ALA E 40 -44.72 41.64 -26.48
CA ALA E 40 -45.07 43.05 -26.29
C ALA E 40 -43.98 44.10 -26.53
N TRP E 41 -42.73 43.69 -26.68
CA TRP E 41 -41.67 44.68 -26.91
C TRP E 41 -40.58 44.16 -27.83
N LEU E 42 -40.45 42.85 -27.95
CA LEU E 42 -39.42 42.29 -28.79
C LEU E 42 -39.87 41.98 -30.20
N PHE E 43 -39.97 43.02 -31.04
CA PHE E 43 -40.36 42.89 -32.45
C PHE E 43 -39.11 42.69 -33.28
N ALA E 44 -39.27 42.11 -34.47
CA ALA E 44 -38.17 41.91 -35.40
C ALA E 44 -38.59 42.66 -36.67
N ARG E 45 -38.03 43.85 -36.86
CA ARG E 45 -38.36 44.72 -38.00
C ARG E 45 -39.78 45.25 -37.86
N GLY E 46 -40.28 45.32 -36.64
CA GLY E 46 -41.64 45.80 -36.44
C GLY E 46 -42.62 44.65 -36.60
N TRP E 47 -42.13 43.52 -37.09
CA TRP E 47 -42.97 42.36 -37.29
C TRP E 47 -43.23 41.73 -35.94
N PRO E 48 -44.50 41.40 -35.65
CA PRO E 48 -44.83 40.79 -34.37
C PRO E 48 -44.27 39.38 -34.16
N THR E 50 -45.01 35.99 -33.35
CA THR E 50 -46.18 35.11 -33.37
C THR E 50 -46.07 33.84 -32.52
N GLU E 51 -44.84 33.46 -32.14
CA GLU E 51 -44.64 32.30 -31.30
C GLU E 51 -43.52 32.64 -30.33
N CYS E 52 -43.73 32.29 -29.06
CA CYS E 52 -42.75 32.57 -28.04
C CYS E 52 -42.68 31.52 -26.94
N VAL E 53 -41.63 30.71 -26.97
CA VAL E 53 -41.41 29.71 -25.93
C VAL E 53 -40.13 30.18 -25.25
N PHE E 54 -40.16 30.25 -23.93
CA PHE E 54 -38.99 30.75 -23.23
C PHE E 54 -38.94 30.29 -21.79
N GLU E 55 -38.08 29.31 -21.53
CA GLU E 55 -37.93 28.77 -20.19
C GLU E 55 -36.62 29.24 -19.58
N PRO E 56 -36.67 30.22 -18.68
CA PRO E 56 -35.48 30.78 -18.01
C PRO E 56 -34.84 29.91 -16.91
N HIS E 57 -34.50 28.67 -17.26
CA HIS E 57 -33.86 27.75 -16.32
C HIS E 57 -32.91 26.84 -17.10
N LYS E 58 -31.90 26.33 -16.41
CA LYS E 58 -30.91 25.45 -17.05
C LYS E 58 -31.56 24.37 -17.91
N GLY E 59 -31.26 24.39 -19.21
CA GLY E 59 -31.82 23.38 -20.10
C GLY E 59 -33.09 23.88 -20.76
N GLY E 60 -33.68 24.92 -20.18
CA GLY E 60 -34.90 25.49 -20.71
C GLY E 60 -34.83 25.75 -22.19
N LEU E 61 -35.91 25.41 -22.90
CA LEU E 61 -35.97 25.63 -24.33
C LEU E 61 -36.26 27.10 -24.66
N ILE E 62 -35.90 27.50 -25.88
CA ILE E 62 -36.16 28.84 -26.37
C ILE E 62 -36.59 28.68 -27.81
N ARG E 63 -37.72 29.28 -28.15
CA ARG E 63 -38.26 29.21 -29.50
C ARG E 63 -39.01 30.50 -29.75
N GLN E 64 -38.58 31.25 -30.75
CA GLN E 64 -39.23 32.51 -31.07
C GLN E 64 -39.44 32.66 -32.58
N VAL E 65 -40.68 32.92 -32.96
CA VAL E 65 -41.02 33.08 -34.37
C VAL E 65 -41.65 34.45 -34.62
N TRP E 66 -41.23 35.10 -35.69
CA TRP E 66 -41.76 36.39 -36.08
C TRP E 66 -42.37 36.18 -37.46
N THR E 67 -43.45 36.89 -37.74
CA THR E 67 -44.14 36.80 -39.02
C THR E 67 -44.05 38.15 -39.72
N GLY E 68 -43.48 38.15 -40.93
CA GLY E 68 -43.33 39.39 -41.67
C GLY E 68 -44.23 39.59 -42.88
N PRO E 69 -43.73 40.29 -43.92
CA PRO E 69 -44.48 40.55 -45.15
C PRO E 69 -44.77 39.25 -45.88
N GLU E 70 -45.99 39.11 -46.38
CA GLU E 70 -46.37 37.92 -47.11
C GLU E 70 -46.46 36.69 -46.22
N GLY E 71 -46.56 36.89 -44.91
CA GLY E 71 -46.67 35.76 -44.01
C GLY E 71 -45.39 34.94 -43.88
N ARG E 72 -44.34 35.29 -44.61
CA ARG E 72 -43.08 34.56 -44.50
C ARG E 72 -42.65 34.65 -43.03
N THR E 73 -42.00 33.60 -42.52
CA THR E 73 -41.57 33.60 -41.13
C THR E 73 -40.06 33.61 -40.92
N ARG E 74 -39.67 33.95 -39.69
CA ARG E 74 -38.28 34.01 -39.28
C ARG E 74 -38.28 33.51 -37.85
N GLY E 75 -37.43 32.54 -37.54
CA GLY E 75 -37.40 32.02 -36.19
C GLY E 75 -36.04 31.59 -35.68
N LEU E 76 -35.95 31.46 -34.36
CA LEU E 76 -34.72 31.05 -33.72
C LEU E 76 -35.07 30.07 -32.63
N THR E 77 -34.13 29.17 -32.34
CA THR E 77 -34.30 28.17 -31.30
C THR E 77 -33.05 28.30 -30.46
N GLY E 78 -33.15 27.99 -29.18
CA GLY E 78 -31.98 28.07 -28.35
C GLY E 78 -32.12 27.19 -27.14
N ARG E 79 -31.13 27.25 -26.25
CA ARG E 79 -31.15 26.46 -25.05
C ARG E 79 -30.53 27.32 -23.96
N VAL E 80 -31.19 27.39 -22.81
CA VAL E 80 -30.70 28.20 -21.71
C VAL E 80 -29.57 27.46 -20.97
N ILE E 81 -28.37 28.03 -21.00
CA ILE E 81 -27.20 27.40 -20.38
C ILE E 81 -27.16 27.52 -18.86
N LEU E 82 -27.52 28.69 -18.35
CA LEU E 82 -27.58 28.91 -16.92
C LEU E 82 -28.51 30.09 -16.64
N ALA E 83 -29.20 30.05 -15.50
CA ALA E 83 -30.12 31.13 -15.19
C ALA E 83 -30.04 31.53 -13.73
N GLU E 84 -29.79 32.80 -13.50
CA GLU E 84 -29.68 33.31 -12.14
C GLU E 84 -30.45 34.61 -11.96
N PRO E 85 -31.77 34.52 -11.87
CA PRO E 85 -32.61 35.71 -11.69
C PRO E 85 -32.29 36.44 -10.41
N PRO E 86 -32.17 37.77 -10.50
CA PRO E 86 -32.37 38.35 -11.83
C PRO E 86 -31.17 38.87 -12.62
N HIS E 87 -29.96 38.51 -12.20
CA HIS E 87 -28.75 39.15 -12.71
C HIS E 87 -28.07 38.48 -13.90
N ARG E 88 -28.43 37.26 -14.25
CA ARG E 88 -27.72 36.68 -15.35
C ARG E 88 -28.41 35.54 -16.08
N LEU E 89 -28.38 35.60 -17.41
CA LEU E 89 -28.96 34.58 -18.28
C LEU E 89 -28.04 34.39 -19.47
N ILE E 90 -27.70 33.14 -19.76
CA ILE E 90 -26.83 32.82 -20.88
C ILE E 90 -27.54 31.74 -21.68
N HIS E 91 -27.67 31.92 -22.99
CA HIS E 91 -28.32 30.90 -23.81
C HIS E 91 -27.68 30.87 -25.18
N SER E 92 -27.97 29.83 -25.93
CA SER E 92 -27.46 29.67 -27.27
C SER E 92 -28.57 30.16 -28.18
N GLU E 93 -28.22 30.71 -29.33
CA GLU E 93 -29.20 31.22 -30.26
C GLU E 93 -28.87 30.72 -31.65
N LEU E 94 -29.88 30.18 -32.32
CA LEU E 94 -29.68 29.68 -33.66
C LEU E 94 -30.88 30.03 -34.53
N TYR E 95 -30.65 30.83 -35.57
CA TYR E 95 -31.74 31.18 -36.46
C TYR E 95 -31.86 30.06 -37.49
N ASP E 96 -33.07 29.83 -37.97
CA ASP E 96 -33.30 28.81 -39.00
C ASP E 96 -32.79 29.49 -40.28
N GLU E 97 -31.99 28.78 -41.08
CA GLU E 97 -31.41 29.33 -42.30
C GLU E 97 -30.26 30.27 -41.91
N GLY E 102 -23.95 30.50 -37.91
CA GLY E 102 -23.81 29.40 -36.98
C GLY E 102 -24.35 29.74 -35.60
N GLU E 103 -24.07 28.88 -34.64
CA GLU E 103 -24.54 29.08 -33.28
C GLU E 103 -23.85 30.24 -32.54
N THR E 104 -24.64 31.02 -31.81
CA THR E 104 -24.13 32.17 -31.03
C THR E 104 -24.41 32.00 -29.53
N LEU E 105 -23.59 32.62 -28.70
CA LEU E 105 -23.82 32.49 -27.28
C LEU E 105 -24.20 33.86 -26.76
N VAL E 106 -25.46 33.97 -26.33
CA VAL E 106 -25.97 35.24 -25.81
C VAL E 106 -25.90 35.27 -24.28
N THR E 107 -25.39 36.39 -23.76
CA THR E 107 -25.25 36.58 -22.32
C THR E 107 -25.94 37.87 -21.89
N LEU E 108 -26.78 37.79 -20.85
CA LEU E 108 -27.50 38.94 -20.33
C LEU E 108 -27.19 39.20 -18.86
N GLN E 109 -26.71 40.40 -18.56
CA GLN E 109 -26.36 40.75 -17.18
C GLN E 109 -27.15 42.00 -16.78
N LEU E 110 -27.82 41.92 -15.63
CA LEU E 110 -28.60 43.04 -15.10
C LEU E 110 -28.04 43.52 -13.76
N LEU E 111 -27.35 44.65 -13.78
CA LEU E 111 -26.81 45.21 -12.54
C LEU E 111 -27.51 46.51 -12.14
N PRO E 112 -28.01 46.57 -10.90
CA PRO E 112 -28.69 47.77 -10.42
C PRO E 112 -27.78 48.99 -10.47
N VAL E 113 -28.31 50.09 -10.99
CA VAL E 113 -27.57 51.33 -11.10
C VAL E 113 -28.53 52.41 -10.63
N GLU E 114 -28.01 53.60 -10.33
CA GLU E 114 -28.89 54.66 -9.90
C GLU E 114 -29.74 55.05 -11.10
N GLY E 115 -31.05 54.96 -10.94
CA GLY E 115 -31.96 55.28 -12.01
C GLY E 115 -32.89 54.11 -12.23
N GLY E 116 -32.31 52.91 -12.21
CA GLY E 116 -33.08 51.70 -12.41
C GLY E 116 -31.98 50.68 -12.56
N THR E 117 -31.92 50.05 -13.73
CA THR E 117 -31.10 48.87 -13.98
C THR E 117 -30.29 49.06 -15.26
N GLU E 118 -29.12 48.44 -15.34
CA GLU E 118 -28.33 48.55 -16.55
C GLU E 118 -28.24 47.19 -17.19
N LEU E 119 -28.64 47.08 -18.44
CA LEU E 119 -28.63 45.80 -19.12
C LEU E 119 -27.39 45.61 -19.99
N ALA E 120 -26.52 44.68 -19.58
CA ALA E 120 -25.33 44.39 -20.34
C ALA E 120 -25.58 43.12 -21.11
N ALA E 122 -24.10 40.37 -24.22
CA ALA E 122 -22.90 39.96 -24.95
C ALA E 122 -23.21 38.84 -25.92
N VAL E 123 -22.65 38.93 -27.12
CA VAL E 123 -22.88 37.91 -28.14
C VAL E 123 -21.62 37.25 -28.70
N ASP E 124 -21.36 36.01 -28.32
CA ASP E 124 -20.19 35.30 -28.80
C ASP E 124 -20.45 34.50 -30.07
N TYR E 125 -19.73 34.86 -31.13
CA TYR E 125 -19.87 34.19 -32.41
C TYR E 125 -18.91 33.00 -32.50
N ALA E 126 -19.10 32.14 -33.50
CA ALA E 126 -18.23 30.98 -33.67
C ALA E 126 -16.83 31.35 -34.17
N THR E 127 -16.76 31.96 -35.36
CA THR E 127 -15.49 32.37 -35.94
C THR E 127 -15.46 33.89 -35.98
N PRO E 128 -14.31 34.48 -36.33
CA PRO E 128 -14.23 35.95 -36.39
C PRO E 128 -14.95 36.54 -37.62
N GLU E 129 -15.28 35.71 -38.61
CA GLU E 129 -15.99 36.20 -39.81
C GLU E 129 -17.50 36.08 -39.65
N ALA E 130 -17.92 35.27 -38.68
CA ALA E 130 -19.34 35.11 -38.39
C ALA E 130 -19.67 36.37 -37.61
N ARG E 131 -18.66 36.92 -36.95
CA ARG E 131 -18.82 38.14 -36.20
C ARG E 131 -18.77 39.31 -37.19
N ASP E 132 -18.41 39.02 -38.44
CA ASP E 132 -18.31 40.02 -39.53
C ASP E 132 -19.56 40.26 -40.34
N ALA E 133 -20.14 39.16 -40.83
CA ALA E 133 -21.35 39.15 -41.64
C ALA E 133 -22.44 39.92 -40.87
N VAL E 134 -22.24 40.06 -39.55
CA VAL E 134 -23.17 40.74 -38.63
C VAL E 134 -23.15 42.28 -38.49
N ALA E 135 -21.96 42.87 -38.50
CA ALA E 135 -21.78 44.33 -38.55
C ALA E 135 -22.56 45.16 -37.50
N ALA E 136 -22.04 45.23 -36.27
CA ALA E 136 -22.59 46.04 -35.16
C ALA E 136 -23.36 47.33 -35.49
N SER E 137 -22.87 48.12 -36.45
CA SER E 137 -23.51 49.39 -36.81
C SER E 137 -25.02 49.29 -36.85
N ALA E 138 -25.53 48.23 -37.46
CA ALA E 138 -26.98 48.03 -37.60
C ALA E 138 -27.68 47.23 -36.49
N ALA E 140 -27.42 47.31 -33.57
CA ALA E 140 -27.72 48.20 -32.47
C ALA E 140 -28.91 49.10 -32.75
N THR E 141 -29.28 49.25 -34.02
CA THR E 141 -30.43 50.08 -34.39
C THR E 141 -31.66 49.20 -34.18
N GLU E 142 -31.65 48.05 -34.83
CA GLU E 142 -32.72 47.05 -34.71
C GLU E 142 -32.94 46.79 -33.23
N GLU E 144 -31.98 49.04 -30.68
CA GLU E 144 -32.37 50.21 -29.92
C GLU E 144 -33.90 50.27 -30.08
N GLU E 145 -34.35 49.99 -31.30
CA GLU E 145 -35.76 49.99 -31.62
C GLU E 145 -36.55 49.03 -30.73
N ALA E 146 -35.97 47.86 -30.48
CA ALA E 146 -36.62 46.87 -29.63
C ALA E 146 -36.63 47.34 -28.18
N TYR E 147 -35.57 48.06 -27.79
CA TYR E 147 -35.45 48.55 -26.42
C TYR E 147 -36.35 49.73 -26.16
N ARG E 148 -36.62 50.50 -27.20
CA ARG E 148 -37.50 51.65 -27.10
C ARG E 148 -38.90 51.11 -26.74
N HIS E 149 -39.34 50.08 -27.45
CA HIS E 149 -40.63 49.44 -27.17
C HIS E 149 -40.66 49.03 -25.68
N LEU E 150 -39.63 48.32 -25.24
CA LEU E 150 -39.51 47.87 -23.86
C LEU E 150 -39.62 49.05 -22.88
N ASP E 151 -39.15 50.22 -23.29
CA ASP E 151 -39.24 51.40 -22.44
C ASP E 151 -40.71 51.72 -22.23
N VAL E 152 -41.43 51.78 -23.35
CA VAL E 152 -42.85 52.07 -23.31
C VAL E 152 -43.63 51.07 -22.46
N LEU E 154 -42.59 49.13 -20.00
CA LEU E 154 -42.24 49.17 -18.57
C LEU E 154 -42.90 50.41 -17.94
N ALA E 155 -42.95 51.51 -18.68
CA ALA E 155 -43.60 52.71 -18.18
C ALA E 155 -45.07 52.32 -18.04
N ALA E 156 -45.57 51.60 -19.05
CA ALA E 156 -46.96 51.14 -19.10
C ALA E 156 -47.42 50.31 -17.91
N LEU E 157 -46.49 49.66 -17.24
CA LEU E 157 -46.88 48.83 -16.09
C LEU E 157 -46.84 49.63 -14.76
N GLU E 158 -48.02 49.90 -14.21
CA GLU E 158 -48.18 50.62 -12.95
C GLU E 158 -49.64 50.63 -12.53
N GLU F 4 35.14 -26.16 -12.84
CA GLU F 4 35.29 -25.09 -13.87
C GLU F 4 34.07 -24.17 -13.86
N ILE F 5 34.05 -23.17 -14.73
CA ILE F 5 32.94 -22.23 -14.77
C ILE F 5 31.94 -22.50 -15.86
N GLN F 6 30.67 -22.43 -15.47
CA GLN F 6 29.53 -22.65 -16.36
C GLN F 6 29.08 -21.31 -16.96
N ILE F 7 28.88 -21.26 -18.26
CA ILE F 7 28.43 -20.04 -18.92
C ILE F 7 26.90 -19.99 -18.91
N GLY F 8 26.35 -18.86 -18.47
CA GLY F 8 24.91 -18.70 -18.42
C GLY F 8 24.35 -18.12 -19.71
N PRO F 9 23.02 -18.19 -19.91
CA PRO F 9 22.43 -17.63 -21.13
C PRO F 9 22.77 -16.16 -21.37
N GLY F 10 22.49 -15.31 -20.39
CA GLY F 10 22.77 -13.90 -20.54
C GLY F 10 21.78 -13.23 -21.48
N SER F 11 22.29 -12.41 -22.39
CA SER F 11 21.45 -11.69 -23.36
C SER F 11 22.38 -10.91 -24.28
N ALA F 12 21.81 -10.25 -25.28
CA ALA F 12 22.59 -9.46 -26.24
C ALA F 12 23.53 -8.44 -25.59
N THR F 13 23.27 -8.09 -24.34
CA THR F 13 24.09 -7.11 -23.63
C THR F 13 24.56 -7.55 -22.25
N ARG F 14 24.44 -8.84 -21.96
CA ARG F 14 24.79 -9.34 -20.64
C ARG F 14 25.39 -10.75 -20.64
N LEU F 15 26.51 -10.91 -19.93
CA LEU F 15 27.14 -12.22 -19.81
C LEU F 15 26.99 -12.72 -18.38
N GLU F 16 26.81 -14.02 -18.21
CA GLU F 16 26.65 -14.61 -16.88
C GLU F 16 27.67 -15.72 -16.67
N PHE F 17 28.19 -15.84 -15.44
CA PHE F 17 29.18 -16.85 -15.11
C PHE F 17 28.94 -17.45 -13.72
N ARG F 18 28.96 -18.77 -13.64
CA ARG F 18 28.79 -19.43 -12.35
C ARG F 18 30.02 -20.28 -12.08
N ARG F 19 30.32 -20.51 -10.82
CA ARG F 19 31.49 -21.29 -10.46
C ARG F 19 31.44 -21.67 -8.99
N HIS F 20 31.63 -22.95 -8.69
CA HIS F 20 31.61 -23.43 -7.33
C HIS F 20 32.98 -23.22 -6.63
N PHE F 21 32.95 -23.04 -5.32
CA PHE F 21 34.18 -22.81 -4.53
C PHE F 21 34.06 -23.49 -3.19
N ALA F 22 35.12 -24.17 -2.78
CA ALA F 22 35.13 -24.85 -1.49
C ALA F 22 35.48 -23.87 -0.40
N ALA F 23 34.47 -23.17 0.13
CA ALA F 23 34.68 -22.19 1.18
C ALA F 23 33.36 -21.57 1.65
N THR F 24 33.35 -21.01 2.86
CA THR F 24 32.16 -20.36 3.40
C THR F 24 32.06 -19.02 2.70
N PRO F 25 30.83 -18.53 2.47
CA PRO F 25 30.73 -17.23 1.79
C PRO F 25 31.60 -16.11 2.39
N GLU F 26 31.73 -16.07 3.71
CA GLU F 26 32.55 -15.04 4.36
C GLU F 26 33.98 -15.04 3.86
N GLN F 27 34.55 -16.23 3.65
CA GLN F 27 35.94 -16.34 3.20
C GLN F 27 36.02 -15.95 1.74
N LEU F 28 35.04 -16.37 0.95
CA LEU F 28 35.05 -16.04 -0.45
C LEU F 28 34.92 -14.53 -0.61
N TRP F 29 34.23 -13.90 0.33
CA TRP F 29 34.04 -12.45 0.27
C TRP F 29 35.32 -11.69 0.55
N ALA F 30 36.15 -12.29 1.41
CA ALA F 30 37.42 -11.70 1.79
C ALA F 30 38.40 -11.78 0.63
N ALA F 31 38.31 -12.85 -0.13
CA ALA F 31 39.20 -13.06 -1.26
C ALA F 31 38.83 -12.22 -2.48
N LEU F 32 37.58 -11.76 -2.52
CA LEU F 32 37.09 -10.97 -3.65
C LEU F 32 37.12 -9.46 -3.42
N THR F 33 37.24 -9.06 -2.16
CA THR F 33 37.22 -7.66 -1.81
C THR F 33 38.38 -7.15 -0.96
N SER F 34 39.36 -8.00 -0.70
CA SER F 34 40.51 -7.59 0.10
C SER F 34 41.72 -7.33 -0.80
N PRO F 35 42.32 -6.13 -0.69
CA PRO F 35 43.49 -5.79 -1.52
C PRO F 35 44.66 -6.69 -1.18
N ALA F 36 44.65 -7.23 0.04
CA ALA F 36 45.73 -8.12 0.46
C ALA F 36 45.66 -9.48 -0.24
N LEU F 37 44.44 -9.98 -0.46
CA LEU F 37 44.25 -11.27 -1.11
C LEU F 37 44.19 -11.27 -2.63
N LEU F 38 43.46 -10.31 -3.20
CA LEU F 38 43.36 -10.23 -4.65
C LEU F 38 44.62 -10.51 -5.46
N PRO F 39 45.73 -9.78 -5.20
CA PRO F 39 46.97 -9.99 -5.96
C PRO F 39 47.40 -11.46 -5.99
N ALA F 40 47.14 -12.17 -4.91
CA ALA F 40 47.50 -13.56 -4.81
C ALA F 40 46.71 -14.50 -5.71
N TRP F 41 45.61 -14.04 -6.30
CA TRP F 41 44.84 -14.95 -7.15
C TRP F 41 44.23 -14.34 -8.40
N LEU F 42 43.91 -13.06 -8.34
CA LEU F 42 43.31 -12.43 -9.50
C LEU F 42 44.36 -11.92 -10.47
N PHE F 43 44.82 -12.82 -11.33
CA PHE F 43 45.81 -12.54 -12.35
C PHE F 43 45.83 -13.78 -13.23
N ALA F 44 46.42 -13.67 -14.41
CA ALA F 44 46.49 -14.83 -15.31
C ALA F 44 47.57 -14.67 -16.37
N ARG F 45 47.87 -15.75 -17.07
CA ARG F 45 48.87 -15.74 -18.11
C ARG F 45 50.18 -15.11 -17.61
N GLY F 46 50.52 -15.39 -16.35
CA GLY F 46 51.74 -14.87 -15.75
C GLY F 46 51.82 -13.37 -15.53
N TRP F 47 50.68 -12.69 -15.57
CA TRP F 47 50.64 -11.23 -15.36
C TRP F 47 50.28 -10.83 -13.92
N PRO F 48 51.28 -10.47 -13.12
CA PRO F 48 51.02 -10.09 -11.73
C PRO F 48 50.17 -8.84 -11.63
N THR F 50 50.14 -5.53 -10.16
CA THR F 50 51.05 -4.58 -9.52
C THR F 50 50.41 -3.48 -8.70
N GLU F 51 49.12 -3.24 -8.91
CA GLU F 51 48.40 -2.23 -8.14
C GLU F 51 46.99 -2.70 -7.89
N CYS F 52 46.57 -2.64 -6.64
CA CYS F 52 45.23 -3.07 -6.32
C CYS F 52 44.59 -2.25 -5.22
N VAL F 53 43.66 -1.40 -5.61
CA VAL F 53 42.91 -0.59 -4.67
C VAL F 53 41.52 -1.16 -4.74
N PHE F 54 40.90 -1.33 -3.58
CA PHE F 54 39.56 -1.90 -3.55
C PHE F 54 38.93 -1.62 -2.20
N GLU F 55 37.93 -0.75 -2.20
CA GLU F 55 37.25 -0.39 -0.97
C GLU F 55 35.80 -0.87 -1.13
N PRO F 56 35.48 -2.03 -0.55
CA PRO F 56 34.13 -2.59 -0.65
C PRO F 56 33.06 -1.86 0.16
N HIS F 57 32.66 -0.70 -0.33
CA HIS F 57 31.62 0.07 0.30
C HIS F 57 31.13 1.13 -0.66
N LYS F 58 29.86 1.52 -0.52
CA LYS F 58 29.28 2.53 -1.39
C LYS F 58 30.27 3.68 -1.58
N GLY F 59 30.45 4.09 -2.84
CA GLY F 59 31.35 5.19 -3.15
C GLY F 59 32.80 4.76 -3.24
N GLY F 60 33.13 3.61 -2.66
CA GLY F 60 34.49 3.10 -2.69
C GLY F 60 35.18 3.08 -4.05
N LEU F 61 36.47 3.32 -4.04
CA LEU F 61 37.25 3.35 -5.27
C LEU F 61 37.84 2.00 -5.64
N ILE F 62 37.87 1.72 -6.94
CA ILE F 62 38.45 0.49 -7.46
C ILE F 62 39.57 0.84 -8.43
N ARG F 63 40.72 0.22 -8.27
CA ARG F 63 41.84 0.45 -9.17
C ARG F 63 42.70 -0.78 -9.26
N GLN F 64 42.75 -1.37 -10.43
CA GLN F 64 43.54 -2.56 -10.65
C GLN F 64 44.45 -2.35 -11.84
N VAL F 65 45.67 -2.86 -11.71
CA VAL F 65 46.69 -2.73 -12.74
C VAL F 65 47.54 -3.99 -12.72
N TRP F 66 47.75 -4.58 -13.89
CA TRP F 66 48.58 -5.77 -14.03
C TRP F 66 49.77 -5.40 -14.94
N THR F 67 50.90 -6.06 -14.74
CA THR F 67 52.06 -5.79 -15.56
C THR F 67 52.79 -7.08 -15.87
N GLY F 68 53.54 -7.09 -16.97
CA GLY F 68 54.28 -8.28 -17.33
C GLY F 68 55.47 -7.94 -18.22
N PRO F 69 56.17 -8.95 -18.74
CA PRO F 69 57.35 -8.77 -19.58
C PRO F 69 57.04 -7.60 -20.46
N GLU F 70 58.05 -6.81 -20.83
CA GLU F 70 57.87 -5.70 -21.78
C GLU F 70 57.37 -4.44 -21.09
N GLY F 71 57.22 -4.47 -19.77
CA GLY F 71 56.77 -3.31 -19.02
C GLY F 71 55.46 -2.67 -19.47
N ARG F 72 54.60 -3.46 -20.12
CA ARG F 72 53.32 -2.96 -20.60
C ARG F 72 52.22 -3.21 -19.57
N THR F 73 51.66 -2.12 -19.05
CA THR F 73 50.60 -2.23 -18.05
C THR F 73 49.21 -2.41 -18.68
N ARG F 74 48.25 -2.81 -17.85
CA ARG F 74 46.87 -3.03 -18.27
C ARG F 74 45.96 -2.88 -17.03
N GLY F 75 45.22 -1.77 -16.93
CA GLY F 75 44.39 -1.62 -15.75
C GLY F 75 42.99 -1.06 -15.90
N LEU F 76 42.21 -1.13 -14.82
CA LEU F 76 40.84 -0.65 -14.84
C LEU F 76 40.47 0.23 -13.65
N THR F 77 39.39 0.99 -13.80
CA THR F 77 38.91 1.86 -12.75
C THR F 77 37.45 1.58 -12.51
N GLY F 78 37.01 1.80 -11.28
CA GLY F 78 35.63 1.55 -10.98
C GLY F 78 35.18 2.26 -9.74
N ARG F 79 33.90 2.06 -9.43
CA ARG F 79 33.28 2.63 -8.27
C ARG F 79 32.39 1.53 -7.70
N VAL F 80 32.48 1.33 -6.39
CA VAL F 80 31.63 0.35 -5.74
C VAL F 80 30.27 1.07 -5.64
N ILE F 81 29.23 0.44 -6.16
CA ILE F 81 27.89 1.01 -6.13
C ILE F 81 27.20 0.59 -4.83
N LEU F 82 27.39 -0.67 -4.46
CA LEU F 82 26.82 -1.19 -3.23
C LEU F 82 27.48 -2.52 -2.86
N ALA F 83 27.66 -2.73 -1.57
CA ALA F 83 28.28 -3.93 -1.06
C ALA F 83 27.56 -4.38 0.24
N GLU F 84 27.06 -5.61 0.21
CA GLU F 84 26.37 -6.18 1.35
C GLU F 84 27.14 -7.47 1.65
N PRO F 85 28.15 -7.38 2.51
CA PRO F 85 28.88 -8.62 2.81
C PRO F 85 28.02 -9.62 3.58
N PRO F 86 28.05 -10.90 3.18
CA PRO F 86 28.87 -11.35 2.06
C PRO F 86 28.25 -11.61 0.69
N HIS F 87 26.94 -11.40 0.57
CA HIS F 87 26.19 -11.96 -0.55
C HIS F 87 26.15 -11.12 -1.81
N ARG F 88 26.49 -9.85 -1.73
CA ARG F 88 26.42 -9.03 -2.93
C ARG F 88 27.34 -7.83 -3.03
N LEU F 89 27.89 -7.63 -4.23
CA LEU F 89 28.79 -6.52 -4.53
C LEU F 89 28.57 -6.04 -5.97
N ILE F 90 28.28 -4.77 -6.13
CA ILE F 90 28.05 -4.19 -7.45
C ILE F 90 29.05 -3.07 -7.70
N HIS F 91 29.66 -3.05 -8.88
CA HIS F 91 30.61 -1.98 -9.18
C HIS F 91 30.69 -1.75 -10.66
N SER F 92 31.11 -0.56 -11.02
CA SER F 92 31.28 -0.21 -12.41
C SER F 92 32.72 -0.55 -12.74
N GLU F 93 32.98 -1.06 -13.94
CA GLU F 93 34.34 -1.39 -14.36
C GLU F 93 34.60 -0.59 -15.63
N LEU F 94 35.80 -0.09 -15.81
CA LEU F 94 36.13 0.64 -17.03
C LEU F 94 37.58 0.39 -17.43
N TYR F 95 37.74 -0.51 -18.40
CA TYR F 95 39.06 -0.87 -18.92
C TYR F 95 39.65 0.25 -19.75
N GLU F 103 31.83 1.43 -20.54
CA GLU F 103 31.62 1.31 -19.09
C GLU F 103 30.66 0.18 -18.80
N THR F 104 31.14 -0.82 -18.05
CA THR F 104 30.33 -1.99 -17.73
C THR F 104 29.91 -2.01 -16.27
N LEU F 105 28.93 -2.85 -15.95
CA LEU F 105 28.45 -2.98 -14.59
C LEU F 105 28.57 -4.43 -14.13
N VAL F 106 29.51 -4.68 -13.24
CA VAL F 106 29.75 -6.02 -12.73
C VAL F 106 28.96 -6.30 -11.46
N THR F 107 28.30 -7.45 -11.41
CA THR F 107 27.52 -7.84 -10.24
C THR F 107 28.00 -9.18 -9.68
N LEU F 108 28.30 -9.22 -8.38
CA LEU F 108 28.76 -10.44 -7.74
C LEU F 108 27.83 -10.91 -6.63
N GLN F 109 27.23 -12.07 -6.84
CA GLN F 109 26.34 -12.65 -5.86
C GLN F 109 26.93 -13.97 -5.36
N LEU F 110 27.04 -14.11 -4.05
CA LEU F 110 27.58 -15.31 -3.40
C LEU F 110 26.47 -15.98 -2.60
N LEU F 111 26.03 -17.15 -3.05
CA LEU F 111 24.94 -17.84 -2.36
C LEU F 111 25.36 -19.21 -1.86
N PRO F 112 25.10 -19.52 -0.59
CA PRO F 112 25.46 -20.81 -0.02
C PRO F 112 24.84 -21.97 -0.80
N VAL F 113 25.66 -22.96 -1.12
CA VAL F 113 25.22 -24.14 -1.82
C VAL F 113 25.98 -25.30 -1.18
N GLU F 114 25.45 -26.51 -1.25
CA GLU F 114 26.13 -27.63 -0.62
C GLU F 114 27.51 -27.86 -1.25
N GLY F 115 28.50 -27.96 -0.37
CA GLY F 115 29.88 -28.11 -0.79
C GLY F 115 30.46 -26.89 -0.10
N GLY F 116 29.88 -25.72 -0.39
CA GLY F 116 30.44 -24.46 0.07
C GLY F 116 29.64 -23.27 -0.44
N THR F 117 30.21 -22.53 -1.39
CA THR F 117 29.62 -21.31 -1.93
C THR F 117 29.68 -21.27 -3.45
N GLU F 118 28.67 -20.67 -4.06
CA GLU F 118 28.60 -20.54 -5.51
C GLU F 118 28.73 -19.08 -5.88
N LEU F 119 29.60 -18.77 -6.83
CA LEU F 119 29.80 -17.39 -7.23
C LEU F 119 29.13 -16.98 -8.54
N ALA F 120 28.04 -16.22 -8.44
CA ALA F 120 27.34 -15.78 -9.64
C ALA F 120 27.84 -14.39 -10.03
N ALA F 122 27.99 -11.32 -13.23
CA ALA F 122 27.27 -10.87 -14.41
C ALA F 122 27.78 -9.53 -14.88
N VAL F 123 27.98 -9.39 -16.18
CA VAL F 123 28.45 -8.12 -16.70
C VAL F 123 27.43 -7.55 -17.67
N ASP F 124 27.02 -6.31 -17.42
CA ASP F 124 26.08 -5.61 -18.27
C ASP F 124 26.89 -4.66 -19.12
N TYR F 125 26.78 -4.81 -20.43
CA TYR F 125 27.53 -3.95 -21.33
C TYR F 125 26.63 -2.87 -21.89
N ALA F 126 27.25 -1.77 -22.30
CA ALA F 126 26.51 -0.64 -22.85
C ALA F 126 25.75 -1.00 -24.13
N THR F 127 26.44 -1.61 -25.08
CA THR F 127 25.82 -1.97 -26.36
C THR F 127 25.87 -3.46 -26.65
N PRO F 128 24.97 -3.94 -27.55
CA PRO F 128 24.96 -5.37 -27.88
C PRO F 128 26.27 -5.76 -28.57
N GLU F 129 26.94 -4.78 -29.17
CA GLU F 129 28.21 -5.02 -29.86
C GLU F 129 29.42 -5.02 -28.94
N ALA F 130 29.34 -4.29 -27.83
CA ALA F 130 30.46 -4.28 -26.88
C ALA F 130 30.45 -5.63 -26.19
N ARG F 131 29.27 -6.24 -26.17
CA ARG F 131 29.12 -7.56 -25.57
C ARG F 131 29.71 -8.52 -26.59
N ASP F 132 29.72 -8.09 -27.85
CA ASP F 132 30.26 -8.88 -28.93
C ASP F 132 31.78 -8.97 -28.81
N ALA F 133 32.43 -7.82 -28.89
CA ALA F 133 33.88 -7.76 -28.80
C ALA F 133 34.45 -8.51 -27.60
N VAL F 134 33.65 -8.71 -26.57
CA VAL F 134 34.13 -9.40 -25.36
C VAL F 134 33.96 -10.92 -25.31
N ALA F 135 32.87 -11.44 -25.87
CA ALA F 135 32.67 -12.88 -25.88
C ALA F 135 33.56 -13.51 -26.94
N ALA F 136 34.18 -12.65 -27.75
CA ALA F 136 35.08 -13.06 -28.82
C ALA F 136 36.52 -12.97 -28.32
N SER F 137 36.68 -13.35 -27.05
CA SER F 137 37.97 -13.35 -26.41
C SER F 137 38.04 -14.65 -25.67
N ALA F 138 39.04 -14.67 -24.80
CA ALA F 138 39.40 -15.78 -23.94
C ALA F 138 39.31 -15.23 -22.51
N ALA F 140 36.70 -15.72 -20.59
CA ALA F 140 36.10 -16.79 -19.80
C ALA F 140 37.17 -17.83 -19.47
N THR F 141 38.24 -17.83 -20.26
CA THR F 141 39.35 -18.76 -20.08
C THR F 141 40.24 -18.24 -18.96
N GLU F 142 40.68 -16.99 -19.11
CA GLU F 142 41.53 -16.32 -18.11
C GLU F 142 40.82 -16.21 -16.76
N GLU F 144 38.73 -18.44 -15.68
CA GLU F 144 38.73 -19.78 -15.09
C GLU F 144 40.12 -20.02 -14.52
N GLU F 145 41.12 -19.54 -15.23
CA GLU F 145 42.51 -19.65 -14.82
C GLU F 145 42.69 -18.92 -13.49
N ALA F 146 42.03 -17.77 -13.34
CA ALA F 146 42.10 -17.01 -12.11
C ALA F 146 41.40 -17.75 -10.98
N TYR F 147 40.21 -18.29 -11.26
CA TYR F 147 39.49 -19.02 -10.20
C TYR F 147 40.27 -20.23 -9.73
N ARG F 148 41.09 -20.79 -10.61
CA ARG F 148 41.89 -21.94 -10.26
C ARG F 148 42.93 -21.51 -9.24
N HIS F 149 43.47 -20.30 -9.41
CA HIS F 149 44.47 -19.77 -8.46
C HIS F 149 43.78 -19.60 -7.10
N LEU F 150 42.55 -19.12 -7.16
CA LEU F 150 41.74 -18.90 -5.96
C LEU F 150 41.43 -20.23 -5.30
N ASP F 151 41.16 -21.26 -6.10
CA ASP F 151 40.89 -22.56 -5.51
C ASP F 151 42.06 -22.92 -4.61
N VAL F 152 43.26 -22.93 -5.20
CA VAL F 152 44.49 -23.26 -4.48
C VAL F 152 44.73 -22.39 -3.26
N LEU F 154 42.46 -20.84 -1.39
CA LEU F 154 41.48 -21.16 -0.35
C LEU F 154 41.82 -22.47 0.36
N ALA F 155 42.36 -23.43 -0.40
CA ALA F 155 42.77 -24.71 0.17
C ALA F 155 43.91 -24.39 1.10
N ALA F 156 44.92 -23.73 0.55
CA ALA F 156 46.09 -23.32 1.31
C ALA F 156 45.71 -22.75 2.67
N LEU F 157 44.75 -21.84 2.69
CA LEU F 157 44.30 -21.22 3.93
C LEU F 157 43.67 -22.23 4.90
N GLU F 158 44.52 -23.05 5.51
CA GLU F 158 44.10 -24.07 6.48
C GLU F 158 43.30 -25.21 5.84
N GLN G 6 -41.67 9.66 14.21
CA GLN G 6 -41.66 8.17 14.40
C GLN G 6 -40.41 7.72 15.15
N ILE G 7 -40.56 7.32 16.40
CA ILE G 7 -39.43 6.85 17.19
C ILE G 7 -39.13 5.41 16.77
N GLY G 8 -37.88 5.13 16.44
CA GLY G 8 -37.51 3.79 16.03
C GLY G 8 -37.13 2.94 17.23
N PRO G 9 -36.96 1.62 17.07
CA PRO G 9 -36.58 0.76 18.18
C PRO G 9 -35.26 1.13 18.84
N GLY G 10 -34.22 1.25 18.05
CA GLY G 10 -32.93 1.57 18.64
C GLY G 10 -32.46 0.44 19.53
N SER G 11 -31.68 0.79 20.55
CA SER G 11 -31.11 -0.17 21.48
C SER G 11 -30.70 0.54 22.75
N ALA G 12 -30.05 -0.18 23.65
CA ALA G 12 -29.61 0.38 24.90
C ALA G 12 -28.64 1.54 24.85
N THR G 13 -28.09 1.78 23.66
CA THR G 13 -27.12 2.85 23.46
C THR G 13 -27.32 3.59 22.14
N ARG G 14 -28.47 3.38 21.49
CA ARG G 14 -28.74 3.99 20.20
C ARG G 14 -30.20 4.42 20.01
N LEU G 15 -30.40 5.68 19.63
CA LEU G 15 -31.75 6.20 19.40
C LEU G 15 -31.99 6.44 17.91
N GLU G 16 -33.14 6.01 17.42
CA GLU G 16 -33.50 6.17 16.01
C GLU G 16 -34.73 7.07 15.84
N PHE G 17 -34.73 7.87 14.77
CA PHE G 17 -35.84 8.79 14.47
C PHE G 17 -36.12 8.84 12.97
N ARG G 18 -37.39 8.94 12.60
CA ARG G 18 -37.75 9.03 11.20
C ARG G 18 -38.72 10.20 10.98
N ARG G 19 -38.68 10.80 9.79
CA ARG G 19 -39.55 11.92 9.50
C ARG G 19 -39.63 12.21 8.00
N HIS G 20 -40.85 12.23 7.46
CA HIS G 20 -41.04 12.52 6.04
C HIS G 20 -40.92 14.05 5.83
N PHE G 21 -40.54 14.46 4.63
CA PHE G 21 -40.38 15.87 4.30
C PHE G 21 -40.75 16.11 2.85
N ALA G 22 -41.56 17.14 2.61
CA ALA G 22 -41.97 17.44 1.26
C ALA G 22 -40.89 18.15 0.44
N ALA G 23 -39.84 17.40 0.06
CA ALA G 23 -38.77 18.01 -0.74
C ALA G 23 -37.84 17.00 -1.40
N THR G 24 -37.17 17.42 -2.47
CA THR G 24 -36.21 16.54 -3.13
C THR G 24 -35.03 16.41 -2.14
N PRO G 25 -34.36 15.24 -2.11
CA PRO G 25 -33.24 15.07 -1.17
C PRO G 25 -32.15 16.15 -1.27
N GLU G 26 -32.00 16.75 -2.43
CA GLU G 26 -31.00 17.80 -2.63
C GLU G 26 -31.33 19.00 -1.74
N GLN G 27 -32.60 19.41 -1.77
CA GLN G 27 -33.07 20.55 -0.99
C GLN G 27 -32.99 20.27 0.50
N LEU G 28 -33.31 19.05 0.91
CA LEU G 28 -33.26 18.70 2.31
C LEU G 28 -31.81 18.62 2.79
N TRP G 29 -30.90 18.42 1.86
CA TRP G 29 -29.49 18.33 2.19
C TRP G 29 -28.94 19.73 2.45
N ALA G 30 -29.38 20.68 1.64
CA ALA G 30 -28.93 22.05 1.79
C ALA G 30 -29.44 22.58 3.11
N ALA G 31 -30.60 22.12 3.54
CA ALA G 31 -31.20 22.59 4.79
C ALA G 31 -30.57 22.01 6.05
N LEU G 32 -29.91 20.86 5.94
CA LEU G 32 -29.27 20.22 7.10
C LEU G 32 -27.76 20.44 7.17
N THR G 33 -27.21 21.07 6.14
CA THR G 33 -25.78 21.29 6.08
C THR G 33 -25.39 22.70 5.67
N SER G 34 -26.34 23.61 5.51
CA SER G 34 -25.98 24.95 5.12
C SER G 34 -26.08 25.92 6.30
N PRO G 35 -24.98 26.58 6.65
CA PRO G 35 -25.00 27.51 7.78
C PRO G 35 -25.98 28.64 7.52
N ALA G 36 -26.35 28.84 6.26
CA ALA G 36 -27.28 29.90 5.90
C ALA G 36 -28.73 29.58 6.22
N LEU G 37 -29.10 28.31 6.06
CA LEU G 37 -30.47 27.89 6.31
C LEU G 37 -30.70 27.26 7.68
N LEU G 38 -29.66 26.70 8.27
CA LEU G 38 -29.79 26.06 9.57
C LEU G 38 -30.43 26.92 10.64
N PRO G 39 -29.99 28.20 10.79
CA PRO G 39 -30.55 29.09 11.80
C PRO G 39 -32.04 29.31 11.61
N ALA G 40 -32.49 29.20 10.37
CA ALA G 40 -33.89 29.40 10.03
C ALA G 40 -34.85 28.35 10.56
N TRP G 41 -34.32 27.26 11.11
CA TRP G 41 -35.22 26.22 11.63
C TRP G 41 -34.71 25.44 12.84
N LEU G 42 -33.40 25.28 12.95
CA LEU G 42 -32.85 24.50 14.04
C LEU G 42 -32.67 25.23 15.37
N PHE G 43 -33.79 25.57 16.01
CA PHE G 43 -33.75 26.27 17.28
C PHE G 43 -34.93 25.95 18.18
N ALA G 44 -34.72 26.08 19.48
CA ALA G 44 -35.78 25.82 20.46
C ALA G 44 -36.53 27.10 20.72
N ARG G 45 -37.68 26.97 21.35
CA ARG G 45 -38.52 28.11 21.68
C ARG G 45 -37.75 29.01 22.65
N GLY G 46 -37.28 30.16 22.16
CA GLY G 46 -36.56 31.08 23.01
C GLY G 46 -35.04 31.01 22.92
N TRP G 47 -34.54 30.11 22.10
CA TRP G 47 -33.09 29.95 21.93
C TRP G 47 -32.65 30.02 20.48
N PRO G 48 -32.51 31.24 19.96
CA PRO G 48 -32.08 31.41 18.57
C PRO G 48 -30.61 31.03 18.40
N THR G 50 -27.10 31.54 17.48
CA THR G 50 -26.28 32.73 17.24
C THR G 50 -24.99 32.43 16.50
N GLU G 51 -24.57 31.16 16.49
CA GLU G 51 -23.37 30.79 15.77
C GLU G 51 -23.55 29.46 15.07
N CYS G 52 -23.22 29.43 13.78
CA CYS G 52 -23.37 28.21 13.02
C CYS G 52 -22.24 27.96 12.03
N VAL G 53 -21.35 27.05 12.38
CA VAL G 53 -20.26 26.66 11.51
C VAL G 53 -20.63 25.24 11.12
N PHE G 54 -20.56 24.93 9.83
CA PHE G 54 -20.90 23.60 9.38
C PHE G 54 -20.30 23.38 8.00
N GLU G 55 -19.33 22.48 7.95
CA GLU G 55 -18.66 22.16 6.71
C GLU G 55 -18.95 20.70 6.39
N PRO G 56 -19.81 20.46 5.38
CA PRO G 56 -20.14 19.08 5.01
C PRO G 56 -19.08 18.33 4.20
N HIS G 57 -17.95 18.06 4.82
CA HIS G 57 -16.87 17.30 4.19
C HIS G 57 -15.98 16.67 5.24
N LYS G 58 -15.48 15.46 4.95
CA LYS G 58 -14.61 14.72 5.86
C LYS G 58 -13.66 15.68 6.59
N GLY G 59 -13.59 15.56 7.92
CA GLY G 59 -12.72 16.41 8.72
C GLY G 59 -13.27 17.78 9.03
N GLY G 60 -14.35 18.15 8.33
CA GLY G 60 -14.96 19.46 8.54
C GLY G 60 -15.42 19.74 9.96
N LEU G 61 -15.36 21.01 10.34
CA LEU G 61 -15.75 21.43 11.67
C LEU G 61 -17.22 21.79 11.83
N ILE G 62 -17.78 21.44 12.97
CA ILE G 62 -19.16 21.76 13.27
C ILE G 62 -19.14 22.57 14.55
N ARG G 63 -19.87 23.68 14.56
CA ARG G 63 -19.95 24.50 15.75
C ARG G 63 -21.28 25.18 15.74
N GLN G 64 -22.10 24.86 16.74
CA GLN G 64 -23.41 25.44 16.86
C GLN G 64 -23.53 25.96 18.28
N VAL G 65 -24.15 27.13 18.41
CA VAL G 65 -24.35 27.75 19.69
C VAL G 65 -25.70 28.45 19.64
N TRP G 66 -26.45 28.32 20.72
CA TRP G 66 -27.76 28.96 20.86
C TRP G 66 -27.67 29.87 22.08
N THR G 67 -28.29 31.05 21.98
CA THR G 67 -28.32 32.02 23.09
C THR G 67 -29.75 32.17 23.55
N GLY G 68 -30.02 31.84 24.80
CA GLY G 68 -31.39 31.95 25.29
C GLY G 68 -31.71 33.06 26.28
N PRO G 69 -32.65 32.81 27.21
CA PRO G 69 -33.02 33.82 28.21
C PRO G 69 -31.81 34.19 29.05
N GLU G 70 -31.67 35.49 29.33
CA GLU G 70 -30.57 35.99 30.14
C GLU G 70 -29.20 35.96 29.44
N GLY G 71 -29.19 35.60 28.15
CA GLY G 71 -27.93 35.56 27.42
C GLY G 71 -27.06 34.34 27.64
N ARG G 72 -27.46 33.46 28.55
CA ARG G 72 -26.72 32.24 28.84
C ARG G 72 -26.68 31.39 27.58
N THR G 73 -25.50 30.93 27.18
CA THR G 73 -25.38 30.12 25.96
C THR G 73 -25.38 28.60 26.16
N ARG G 74 -25.55 27.88 25.06
CA ARG G 74 -25.59 26.43 25.02
C ARG G 74 -25.13 25.95 23.64
N GLY G 75 -23.94 25.39 23.55
CA GLY G 75 -23.45 24.95 22.25
C GLY G 75 -22.95 23.53 22.14
N LEU G 76 -22.55 23.15 20.92
CA LEU G 76 -22.03 21.82 20.66
C LEU G 76 -20.95 21.89 19.59
N THR G 77 -20.00 20.96 19.66
CA THR G 77 -18.91 20.92 18.70
C THR G 77 -18.89 19.55 18.04
N GLY G 78 -18.27 19.48 16.86
CA GLY G 78 -18.24 18.22 16.17
C GLY G 78 -17.25 18.15 15.03
N ARG G 79 -17.16 16.97 14.45
CA ARG G 79 -16.25 16.74 13.35
C ARG G 79 -17.05 15.93 12.34
N VAL G 80 -17.06 16.36 11.09
CA VAL G 80 -17.77 15.57 10.10
C VAL G 80 -16.87 14.38 9.81
N ILE G 81 -17.44 13.17 9.84
CA ILE G 81 -16.69 11.95 9.60
C ILE G 81 -16.75 11.51 8.12
N LEU G 82 -17.84 11.86 7.46
CA LEU G 82 -18.03 11.54 6.04
C LEU G 82 -19.32 12.16 5.54
N ALA G 83 -19.29 12.57 4.28
CA ALA G 83 -20.44 13.22 3.70
C ALA G 83 -20.59 12.86 2.23
N GLU G 84 -21.70 12.20 1.89
CA GLU G 84 -21.96 11.83 0.51
C GLU G 84 -23.26 12.51 0.13
N PRO G 85 -23.19 13.80 -0.23
CA PRO G 85 -24.40 14.52 -0.62
C PRO G 85 -25.06 13.83 -1.81
N PRO G 86 -26.38 13.64 -1.74
CA PRO G 86 -27.12 14.07 -0.56
C PRO G 86 -27.52 13.03 0.49
N HIS G 87 -27.22 11.76 0.26
CA HIS G 87 -27.82 10.68 1.00
C HIS G 87 -27.25 10.35 2.36
N ARG G 88 -26.00 10.72 2.61
CA ARG G 88 -25.45 10.40 3.91
C ARG G 88 -24.48 11.40 4.54
N LEU G 89 -24.62 11.58 5.85
CA LEU G 89 -23.77 12.46 6.64
C LEU G 89 -23.58 11.89 8.04
N ILE G 90 -22.33 11.75 8.48
CA ILE G 90 -22.02 11.23 9.81
C ILE G 90 -21.09 12.20 10.52
N HIS G 91 -21.38 12.51 11.78
CA HIS G 91 -20.53 13.44 12.53
C HIS G 91 -20.66 13.19 14.00
N SER G 92 -19.58 13.50 14.72
CA SER G 92 -19.57 13.33 16.15
C SER G 92 -20.08 14.62 16.78
N GLU G 93 -20.90 14.50 17.83
CA GLU G 93 -21.45 15.66 18.52
C GLU G 93 -20.94 15.69 19.95
N LEU G 94 -20.88 16.87 20.55
CA LEU G 94 -20.42 16.99 21.93
C LEU G 94 -20.82 18.32 22.56
N TYR G 95 -21.84 18.30 23.42
CA TYR G 95 -22.31 19.51 24.08
C TYR G 95 -21.29 20.06 25.10
N ASP G 96 -21.62 21.17 25.75
CA ASP G 96 -20.72 21.78 26.74
C ASP G 96 -21.33 21.79 28.15
N GLY G 102 -21.59 12.37 27.19
CA GLY G 102 -20.38 11.91 26.52
C GLY G 102 -20.44 12.18 25.03
N GLU G 103 -19.35 11.87 24.32
CA GLU G 103 -19.30 12.10 22.89
C GLU G 103 -20.22 11.12 22.13
N THR G 104 -21.14 11.67 21.35
CA THR G 104 -22.09 10.86 20.57
C THR G 104 -21.76 10.84 19.08
N LEU G 105 -22.42 9.95 18.35
CA LEU G 105 -22.21 9.85 16.92
C LEU G 105 -23.53 9.89 16.17
N VAL G 106 -23.78 11.01 15.51
CA VAL G 106 -25.00 11.22 14.77
C VAL G 106 -24.88 10.74 13.33
N THR G 107 -25.90 10.05 12.85
CA THR G 107 -25.92 9.54 11.49
C THR G 107 -27.18 10.06 10.82
N LEU G 108 -27.08 10.48 9.57
CA LEU G 108 -28.23 11.00 8.87
C LEU G 108 -28.31 10.39 7.49
N GLN G 109 -29.48 9.83 7.18
CA GLN G 109 -29.69 9.20 5.89
C GLN G 109 -30.92 9.82 5.23
N LEU G 110 -30.80 10.17 3.95
CA LEU G 110 -31.89 10.78 3.19
C LEU G 110 -32.19 9.90 1.99
N LEU G 111 -33.27 9.12 2.07
CA LEU G 111 -33.68 8.22 0.99
C LEU G 111 -35.01 8.59 0.36
N PRO G 112 -35.04 8.75 -0.97
CA PRO G 112 -36.25 9.12 -1.72
C PRO G 112 -37.45 8.20 -1.44
N VAL G 113 -38.56 8.80 -1.07
CA VAL G 113 -39.79 8.07 -0.79
C VAL G 113 -40.88 8.80 -1.57
N GLU G 114 -42.01 8.17 -1.82
CA GLU G 114 -43.06 8.86 -2.55
C GLU G 114 -43.58 10.02 -1.71
N GLY G 115 -43.63 11.20 -2.32
CA GLY G 115 -44.11 12.38 -1.63
C GLY G 115 -42.98 13.37 -1.35
N GLY G 116 -41.76 12.86 -1.34
CA GLY G 116 -40.61 13.71 -1.10
C GLY G 116 -39.54 12.80 -0.54
N THR G 117 -38.99 13.17 0.61
CA THR G 117 -37.81 12.53 1.19
C THR G 117 -38.05 12.14 2.64
N GLU G 118 -37.42 11.06 3.06
CA GLU G 118 -37.53 10.59 4.43
C GLU G 118 -36.18 10.80 5.07
N LEU G 119 -36.19 11.33 6.28
CA LEU G 119 -34.95 11.58 7.00
C LEU G 119 -34.78 10.61 8.15
N ALA G 120 -33.83 9.70 7.99
CA ALA G 120 -33.53 8.72 9.01
C ALA G 120 -32.37 9.26 9.83
N ALA G 122 -30.02 8.70 13.61
CA ALA G 122 -29.66 7.79 14.68
C ALA G 122 -28.54 8.39 15.53
N VAL G 123 -28.65 8.25 16.85
CA VAL G 123 -27.61 8.80 17.71
C VAL G 123 -27.01 7.74 18.62
N ASP G 124 -25.75 7.38 18.36
CA ASP G 124 -25.05 6.38 19.16
C ASP G 124 -24.37 7.01 20.37
N TYR G 125 -24.66 6.49 21.54
CA TYR G 125 -24.09 7.01 22.78
C TYR G 125 -23.03 6.13 23.41
N ALA G 126 -22.16 6.76 24.19
CA ALA G 126 -21.07 6.07 24.86
C ALA G 126 -21.50 4.88 25.70
N THR G 127 -22.43 5.12 26.61
CA THR G 127 -22.91 4.08 27.52
C THR G 127 -24.44 3.89 27.46
N PRO G 128 -24.94 2.78 28.05
CA PRO G 128 -26.39 2.55 28.02
C PRO G 128 -27.10 3.52 28.95
N GLU G 129 -26.34 4.16 29.85
CA GLU G 129 -26.91 5.13 30.79
C GLU G 129 -26.90 6.55 30.24
N ALA G 130 -25.99 6.84 29.31
CA ALA G 130 -25.93 8.16 28.72
C ALA G 130 -27.14 8.24 27.81
N ARG G 131 -27.53 7.09 27.27
CA ARG G 131 -28.68 6.97 26.38
C ARG G 131 -29.92 7.10 27.24
N ASP G 132 -29.75 6.87 28.53
CA ASP G 132 -30.84 6.96 29.50
C ASP G 132 -31.18 8.43 29.78
N ALA G 133 -30.22 9.15 30.34
CA ALA G 133 -30.41 10.56 30.67
C ALA G 133 -31.03 11.38 29.53
N VAL G 134 -30.77 10.97 28.29
CA VAL G 134 -31.28 11.68 27.13
C VAL G 134 -32.66 11.23 26.66
N ALA G 135 -32.93 9.93 26.73
CA ALA G 135 -34.23 9.41 26.30
C ALA G 135 -35.39 10.18 26.95
N ALA G 136 -35.34 10.36 28.27
CA ALA G 136 -36.41 11.05 29.02
C ALA G 136 -36.12 12.54 29.18
N SER G 137 -36.06 13.27 28.06
CA SER G 137 -35.71 14.68 28.09
C SER G 137 -36.31 15.58 27.00
N ALA G 138 -37.54 15.32 26.57
CA ALA G 138 -38.19 16.13 25.55
C ALA G 138 -37.30 16.51 24.35
N ALA G 140 -36.89 14.60 21.74
CA ALA G 140 -37.64 14.18 20.57
C ALA G 140 -38.71 15.23 20.34
N THR G 141 -39.11 15.88 21.43
CA THR G 141 -40.13 16.91 21.38
C THR G 141 -39.60 18.13 20.66
N GLU G 142 -38.45 18.62 21.12
CA GLU G 142 -37.83 19.79 20.49
C GLU G 142 -37.38 19.46 19.08
N GLU G 144 -38.99 17.53 17.07
CA GLU G 144 -40.19 17.56 16.25
C GLU G 144 -40.57 19.02 16.04
N GLU G 145 -40.30 19.85 17.05
CA GLU G 145 -40.59 21.27 16.96
C GLU G 145 -39.74 21.87 15.84
N ALA G 146 -38.45 21.56 15.85
CA ALA G 146 -37.54 22.06 14.84
C ALA G 146 -37.95 21.57 13.44
N TYR G 147 -38.31 20.30 13.32
CA TYR G 147 -38.71 19.79 12.01
C TYR G 147 -39.95 20.51 11.50
N ARG G 148 -40.81 20.93 12.43
CA ARG G 148 -41.99 21.66 12.04
C ARG G 148 -41.50 22.96 11.38
N HIS G 149 -40.53 23.62 12.02
CA HIS G 149 -39.95 24.86 11.48
C HIS G 149 -39.35 24.59 10.10
N LEU G 150 -38.74 23.41 9.94
CA LEU G 150 -38.12 23.02 8.68
C LEU G 150 -39.17 22.73 7.61
N ASP G 151 -40.35 22.31 8.07
CA ASP G 151 -41.46 22.06 7.16
C ASP G 151 -41.82 23.41 6.53
N VAL G 152 -42.06 24.39 7.40
CA VAL G 152 -42.42 25.74 7.01
C VAL G 152 -41.41 26.43 6.11
N LEU G 154 -39.10 24.95 4.16
CA LEU G 154 -39.02 24.27 2.86
C LEU G 154 -40.18 24.74 1.99
N ALA G 155 -41.35 24.84 2.60
CA ALA G 155 -42.55 25.32 1.92
C ALA G 155 -42.26 26.72 1.39
N ALA G 156 -41.86 27.59 2.32
CA ALA G 156 -41.53 28.99 2.06
C ALA G 156 -40.59 29.18 0.88
N LEU G 157 -39.75 28.19 0.62
CA LEU G 157 -38.80 28.30 -0.48
C LEU G 157 -39.50 28.16 -1.83
N GLU G 158 -40.14 29.26 -2.23
CA GLU G 158 -40.88 29.36 -3.50
C GLU G 158 -40.01 30.06 -4.56
N HIS G 159 -39.43 29.26 -5.46
CA HIS G 159 -38.59 29.77 -6.53
C HIS G 159 -39.35 29.74 -7.86
N GLU H 4 43.31 -42.59 23.98
CA GLU H 4 42.52 -42.60 25.24
C GLU H 4 41.42 -41.53 25.19
N ILE H 5 40.35 -41.75 25.97
CA ILE H 5 39.21 -40.85 26.04
C ILE H 5 39.52 -39.36 26.21
N GLN H 6 38.62 -38.51 25.71
CA GLN H 6 38.76 -37.05 25.80
C GLN H 6 37.43 -36.47 26.28
N ILE H 7 37.39 -35.92 27.48
CA ILE H 7 36.14 -35.35 27.98
C ILE H 7 35.96 -34.00 27.28
N GLY H 8 34.72 -33.69 26.92
CA GLY H 8 34.43 -32.43 26.26
C GLY H 8 33.86 -31.44 27.25
N PRO H 9 33.71 -30.16 26.86
CA PRO H 9 33.17 -29.14 27.75
C PRO H 9 31.75 -29.49 28.24
N GLY H 10 30.86 -29.74 27.30
CA GLY H 10 29.50 -30.07 27.66
C GLY H 10 28.77 -28.85 28.20
N SER H 11 27.99 -29.06 29.24
CA SER H 11 27.24 -27.98 29.86
C SER H 11 26.64 -28.48 31.17
N ALA H 12 25.79 -27.66 31.78
CA ALA H 12 25.16 -28.01 33.05
C ALA H 12 24.24 -29.23 33.00
N THR H 13 23.98 -29.76 31.80
CA THR H 13 23.10 -30.92 31.67
C THR H 13 23.54 -31.86 30.54
N ARG H 14 24.72 -31.60 29.99
CA ARG H 14 25.23 -32.38 28.87
C ARG H 14 26.71 -32.79 28.99
N LEU H 15 26.99 -34.08 28.86
CA LEU H 15 28.37 -34.58 28.93
C LEU H 15 28.86 -35.07 27.58
N GLU H 16 30.06 -34.61 27.18
CA GLU H 16 30.66 -34.96 25.89
C GLU H 16 31.96 -35.76 25.94
N PHE H 17 32.02 -36.86 25.18
CA PHE H 17 33.21 -37.71 25.12
C PHE H 17 33.65 -37.88 23.67
N ARG H 18 34.95 -38.00 23.43
CA ARG H 18 35.45 -38.21 22.07
C ARG H 18 36.54 -39.27 22.10
N ARG H 19 36.54 -40.19 21.14
CA ARG H 19 37.54 -41.24 21.15
C ARG H 19 37.86 -41.83 19.77
N HIS H 20 39.15 -41.98 19.51
CA HIS H 20 39.64 -42.54 18.27
C HIS H 20 39.50 -44.07 18.29
N PHE H 21 39.32 -44.65 17.10
CA PHE H 21 39.19 -46.09 16.95
C PHE H 21 39.78 -46.44 15.61
N ALA H 22 40.74 -47.36 15.60
CA ALA H 22 41.35 -47.74 14.33
C ALA H 22 40.37 -48.67 13.63
N ALA H 23 39.34 -48.07 13.02
CA ALA H 23 38.32 -48.83 12.33
C ALA H 23 37.47 -47.95 11.43
N THR H 24 36.98 -48.52 10.33
CA THR H 24 36.15 -47.77 9.39
C THR H 24 34.76 -47.58 10.02
N PRO H 25 34.12 -46.43 9.77
CA PRO H 25 32.80 -46.23 10.35
C PRO H 25 31.84 -47.41 10.23
N GLU H 26 31.86 -48.13 9.10
CA GLU H 26 30.95 -49.28 8.95
C GLU H 26 31.14 -50.29 10.07
N GLN H 27 32.38 -50.68 10.32
CA GLN H 27 32.70 -51.67 11.35
C GLN H 27 32.40 -51.19 12.77
N LEU H 28 32.60 -49.89 13.02
CA LEU H 28 32.34 -49.36 14.34
C LEU H 28 30.83 -49.38 14.58
N TRP H 29 30.09 -48.87 13.61
CA TRP H 29 28.65 -48.85 13.72
C TRP H 29 28.07 -50.24 14.00
N ALA H 30 28.70 -51.27 13.45
CA ALA H 30 28.21 -52.62 13.65
C ALA H 30 28.49 -53.02 15.09
N ALA H 31 29.61 -52.53 15.61
CA ALA H 31 30.03 -52.84 16.98
C ALA H 31 29.18 -52.14 18.03
N LEU H 32 28.68 -50.96 17.69
CA LEU H 32 27.86 -50.19 18.61
C LEU H 32 26.39 -50.49 18.47
N THR H 33 26.00 -51.18 17.41
CA THR H 33 24.58 -51.43 17.19
C THR H 33 24.10 -52.90 17.06
N SER H 34 25.02 -53.84 16.99
CA SER H 34 24.63 -55.25 16.87
C SER H 34 24.57 -55.92 18.23
N PRO H 35 23.48 -56.65 18.49
CA PRO H 35 23.36 -57.33 19.79
C PRO H 35 24.39 -58.46 19.93
N ALA H 36 24.87 -58.97 18.80
CA ALA H 36 25.86 -60.02 18.83
C ALA H 36 27.17 -59.49 19.42
N LEU H 37 27.69 -58.43 18.81
CA LEU H 37 28.96 -57.85 19.20
C LEU H 37 29.04 -57.11 20.54
N LEU H 38 27.99 -56.34 20.87
CA LEU H 38 27.95 -55.57 22.11
C LEU H 38 28.38 -56.35 23.35
N PRO H 39 27.77 -57.52 23.59
CA PRO H 39 28.12 -58.34 24.75
C PRO H 39 29.63 -58.55 24.90
N ALA H 40 30.33 -58.53 23.75
CA ALA H 40 31.77 -58.76 23.69
C ALA H 40 32.67 -57.59 24.12
N TRP H 41 32.12 -56.39 24.23
CA TRP H 41 32.95 -55.24 24.62
C TRP H 41 32.24 -54.25 25.57
N LEU H 42 30.90 -54.26 25.59
CA LEU H 42 30.21 -53.32 26.47
C LEU H 42 29.87 -53.94 27.82
N PHE H 43 30.86 -53.91 28.71
CA PHE H 43 30.77 -54.45 30.07
C PHE H 43 31.92 -53.89 30.90
N ALA H 44 31.82 -54.05 32.22
CA ALA H 44 32.88 -53.59 33.11
C ALA H 44 33.23 -54.75 34.03
N ARG H 45 34.53 -54.85 34.34
CA ARG H 45 35.05 -55.88 35.22
C ARG H 45 34.02 -56.49 36.18
N GLY H 46 33.71 -57.76 36.00
CA GLY H 46 32.76 -58.43 36.86
C GLY H 46 31.31 -58.35 36.38
N TRP H 47 31.05 -57.54 35.36
CA TRP H 47 29.68 -57.43 34.88
C TRP H 47 29.43 -57.76 33.41
N PRO H 48 29.38 -59.05 33.07
CA PRO H 48 29.14 -59.45 31.69
C PRO H 48 27.69 -59.19 31.32
N THR H 50 24.28 -59.92 30.13
CA THR H 50 23.54 -61.16 30.00
C THR H 50 22.32 -61.08 29.07
N GLU H 51 21.83 -59.87 28.81
CA GLU H 51 20.72 -59.68 27.87
C GLU H 51 21.01 -58.44 27.01
N CYS H 52 20.65 -58.50 25.73
CA CYS H 52 20.91 -57.39 24.83
C CYS H 52 19.99 -57.31 23.60
N VAL H 53 19.04 -56.39 23.67
CA VAL H 53 18.09 -56.13 22.59
C VAL H 53 18.57 -54.80 22.02
N PHE H 54 18.49 -54.62 20.71
CA PHE H 54 18.95 -53.38 20.10
C PHE H 54 18.64 -53.41 18.62
N GLU H 55 17.61 -52.67 18.22
CA GLU H 55 17.20 -52.59 16.83
C GLU H 55 17.46 -51.16 16.38
N PRO H 56 18.58 -50.93 15.65
CA PRO H 56 18.99 -49.61 15.16
C PRO H 56 18.13 -48.97 14.08
N HIS H 57 16.86 -48.75 14.38
CA HIS H 57 15.95 -48.12 13.44
C HIS H 57 14.94 -47.28 14.23
N LYS H 58 14.38 -46.27 13.60
CA LYS H 58 13.41 -45.43 14.30
C LYS H 58 12.36 -46.32 14.97
N GLY H 59 12.20 -46.13 16.29
CA GLY H 59 11.22 -46.89 17.04
C GLY H 59 11.78 -48.15 17.65
N GLY H 60 13.00 -48.49 17.23
CA GLY H 60 13.65 -49.67 17.74
C GLY H 60 13.82 -49.68 19.25
N LEU H 61 13.78 -50.88 19.81
CA LEU H 61 13.90 -51.06 21.25
C LEU H 61 15.31 -51.40 21.70
N ILE H 62 15.65 -50.89 22.88
CA ILE H 62 16.95 -51.15 23.50
C ILE H 62 16.69 -51.78 24.86
N ARG H 63 17.51 -52.77 25.21
CA ARG H 63 17.39 -53.47 26.48
C ARG H 63 18.74 -54.14 26.78
N GLN H 64 19.47 -53.59 27.74
CA GLN H 64 20.77 -54.11 28.12
C GLN H 64 20.85 -54.48 29.59
N VAL H 65 21.12 -55.75 29.86
CA VAL H 65 21.22 -56.25 31.23
C VAL H 65 22.61 -56.78 31.55
N TRP H 66 23.10 -56.47 32.75
CA TRP H 66 24.40 -56.96 33.22
C TRP H 66 24.19 -57.72 34.53
N THR H 67 24.86 -58.85 34.69
CA THR H 67 24.75 -59.61 35.91
C THR H 67 26.16 -59.71 36.45
N GLY H 68 26.37 -59.18 37.64
CA GLY H 68 27.68 -59.23 38.25
C GLY H 68 27.76 -60.17 39.45
N PRO H 69 28.44 -59.75 40.53
CA PRO H 69 28.61 -60.53 41.77
C PRO H 69 27.28 -60.84 42.47
N GLU H 70 27.08 -62.11 42.83
CA GLU H 70 25.88 -62.57 43.52
C GLU H 70 24.65 -62.70 42.60
N GLY H 71 24.85 -62.54 41.30
CA GLY H 71 23.75 -62.65 40.37
C GLY H 71 22.83 -61.45 40.36
N ARG H 72 23.20 -60.39 41.07
CA ARG H 72 22.42 -59.16 41.14
C ARG H 72 22.56 -58.40 39.82
N THR H 73 21.44 -58.05 39.20
CA THR H 73 21.47 -57.37 37.91
C THR H 73 21.50 -55.85 37.91
N ARG H 74 21.47 -55.31 36.69
CA ARG H 74 21.49 -53.88 36.42
C ARG H 74 21.21 -53.72 34.93
N GLY H 75 20.06 -53.16 34.60
CA GLY H 75 19.72 -52.98 33.19
C GLY H 75 19.25 -51.59 32.82
N LEU H 76 18.92 -51.41 31.55
CA LEU H 76 18.42 -50.12 31.08
C LEU H 76 17.49 -50.32 29.88
N THR H 77 16.57 -49.38 29.70
CA THR H 77 15.64 -49.46 28.59
C THR H 77 15.76 -48.16 27.80
N GLY H 78 15.20 -48.15 26.60
CA GLY H 78 15.29 -46.94 25.80
C GLY H 78 14.63 -47.10 24.45
N ARG H 79 14.70 -46.03 23.67
CA ARG H 79 14.09 -46.04 22.36
C ARG H 79 15.07 -45.39 21.39
N VAL H 80 15.15 -45.91 20.18
CA VAL H 80 16.03 -45.31 19.18
C VAL H 80 15.14 -44.23 18.55
N ILE H 81 15.63 -43.00 18.52
CA ILE H 81 14.86 -41.87 17.96
C ILE H 81 15.07 -41.71 16.46
N LEU H 82 16.30 -41.92 16.02
CA LEU H 82 16.69 -41.81 14.61
C LEU H 82 18.04 -42.50 14.40
N ALA H 83 18.20 -43.17 13.28
CA ALA H 83 19.43 -43.90 13.02
C ALA H 83 19.87 -43.84 11.55
N GLU H 84 20.97 -43.15 11.31
CA GLU H 84 21.48 -43.00 9.95
C GLU H 84 22.85 -43.65 9.85
N PRO H 85 22.89 -44.97 9.57
CA PRO H 85 24.14 -45.72 9.44
C PRO H 85 25.03 -45.17 8.33
N PRO H 86 26.34 -45.05 8.59
CA PRO H 86 26.97 -45.38 9.88
C PRO H 86 27.17 -44.17 10.83
N HIS H 87 26.67 -43.02 10.40
CA HIS H 87 26.96 -41.71 10.94
C HIS H 87 26.39 -41.19 12.25
N ARG H 88 25.12 -41.43 12.51
CA ARG H 88 24.52 -40.90 13.73
C ARG H 88 23.44 -41.77 14.34
N LEU H 89 23.44 -41.84 15.67
CA LEU H 89 22.44 -42.62 16.39
C LEU H 89 22.02 -41.88 17.65
N ILE H 90 20.72 -41.68 17.81
CA ILE H 90 20.19 -41.01 18.98
C ILE H 90 19.12 -41.91 19.58
N HIS H 91 19.27 -42.24 20.85
CA HIS H 91 18.27 -43.07 21.53
C HIS H 91 18.15 -42.59 22.96
N SER H 92 17.04 -42.92 23.59
CA SER H 92 16.80 -42.55 24.99
C SER H 92 17.25 -43.68 25.90
N GLU H 93 17.73 -43.34 27.08
CA GLU H 93 18.17 -44.36 28.04
C GLU H 93 17.48 -44.14 29.38
N LEU H 94 17.27 -45.23 30.11
CA LEU H 94 16.64 -45.18 31.42
C LEU H 94 16.98 -46.44 32.22
N TYR H 95 17.84 -46.29 33.23
CA TYR H 95 18.22 -47.43 34.05
C TYR H 95 17.13 -47.85 35.04
N GLU H 103 15.42 -39.69 32.73
CA GLU H 103 15.59 -40.18 31.35
C GLU H 103 16.59 -39.33 30.58
N THR H 104 17.60 -39.98 30.03
CA THR H 104 18.62 -39.27 29.27
C THR H 104 18.48 -39.52 27.77
N LEU H 105 19.19 -38.72 26.99
CA LEU H 105 19.17 -38.84 25.56
C LEU H 105 20.62 -38.98 25.12
N VAL H 106 20.96 -40.08 24.48
CA VAL H 106 22.33 -40.30 24.05
C VAL H 106 22.50 -40.04 22.56
N THR H 107 23.61 -39.41 22.21
CA THR H 107 23.87 -39.08 20.81
C THR H 107 25.21 -39.63 20.34
N LEU H 108 25.17 -40.47 19.30
CA LEU H 108 26.39 -41.07 18.78
C LEU H 108 26.74 -40.57 17.40
N GLN H 109 27.93 -39.99 17.26
CA GLN H 109 28.38 -39.46 16.00
C GLN H 109 29.72 -40.11 15.59
N LEU H 110 29.78 -40.66 14.37
CA LEU H 110 30.98 -41.29 13.83
C LEU H 110 31.53 -40.53 12.62
N LEU H 111 32.56 -39.71 12.81
CA LEU H 111 33.14 -38.96 11.70
C LEU H 111 34.53 -39.45 11.31
N PRO H 112 34.72 -39.81 10.02
CA PRO H 112 36.01 -40.30 9.52
C PRO H 112 37.16 -39.33 9.78
N VAL H 113 38.16 -39.82 10.52
CA VAL H 113 39.34 -39.05 10.86
C VAL H 113 40.51 -39.84 10.31
N GLU H 114 41.69 -39.23 10.23
CA GLU H 114 42.84 -39.95 9.69
C GLU H 114 43.32 -41.00 10.67
N GLY H 115 43.38 -42.24 10.18
CA GLY H 115 43.79 -43.37 11.00
C GLY H 115 42.60 -44.30 10.95
N GLY H 116 41.39 -43.74 10.92
CA GLY H 116 40.17 -44.52 11.08
C GLY H 116 39.01 -43.58 11.41
N THR H 117 38.29 -43.90 12.48
CA THR H 117 37.04 -43.24 12.84
C THR H 117 37.19 -42.56 14.19
N GLU H 118 36.28 -41.64 14.50
CA GLU H 118 36.28 -40.93 15.77
C GLU H 118 34.87 -41.06 16.25
N LEU H 119 34.71 -41.43 17.50
CA LEU H 119 33.36 -41.57 18.05
C LEU H 119 33.08 -40.44 19.02
N ALA H 120 32.07 -39.64 18.68
CA ALA H 120 31.64 -38.55 19.51
C ALA H 120 30.35 -38.98 20.21
N ALA H 122 27.56 -38.00 23.36
CA ALA H 122 27.04 -36.93 24.19
C ALA H 122 25.74 -37.39 24.81
N VAL H 123 25.61 -37.20 26.11
CA VAL H 123 24.41 -37.58 26.83
C VAL H 123 23.76 -36.32 27.37
N ASP H 124 22.45 -36.20 27.22
CA ASP H 124 21.73 -35.02 27.71
C ASP H 124 20.85 -35.41 28.89
N TYR H 125 21.10 -34.77 30.02
CA TYR H 125 20.36 -35.04 31.27
C TYR H 125 19.18 -34.12 31.54
N ALA H 126 18.22 -34.63 32.30
CA ALA H 126 17.04 -33.83 32.64
C ALA H 126 17.45 -32.54 33.37
N THR H 127 17.94 -32.69 34.59
CA THR H 127 18.32 -31.55 35.42
C THR H 127 19.82 -31.33 35.48
N PRO H 128 20.25 -30.17 35.99
CA PRO H 128 21.69 -29.91 36.09
C PRO H 128 22.29 -30.70 37.25
N GLU H 129 21.41 -31.22 38.10
CA GLU H 129 21.84 -32.01 39.26
C GLU H 129 21.93 -33.50 38.95
N ALA H 130 21.25 -33.92 37.88
CA ALA H 130 21.29 -35.33 37.48
C ALA H 130 22.64 -35.50 36.79
N ARG H 131 23.09 -34.42 36.18
CA ARG H 131 24.37 -34.38 35.48
C ARG H 131 25.47 -34.28 36.55
N ASP H 132 25.06 -34.01 37.79
CA ASP H 132 25.97 -33.88 38.93
C ASP H 132 26.28 -35.23 39.61
N ALA H 133 25.26 -36.06 39.76
CA ALA H 133 25.38 -37.37 40.39
C ALA H 133 26.22 -38.30 39.51
N VAL H 134 26.14 -38.11 38.20
CA VAL H 134 26.88 -38.92 37.24
C VAL H 134 28.23 -38.28 36.96
N ALA H 135 28.33 -36.98 37.22
CA ALA H 135 29.55 -36.22 36.99
C ALA H 135 30.91 -36.85 37.28
N ALA H 136 31.15 -37.15 38.55
CA ALA H 136 32.31 -37.94 38.97
C ALA H 136 31.84 -39.26 39.56
N SER H 137 31.57 -40.24 38.70
CA SER H 137 31.10 -41.54 39.16
C SER H 137 31.77 -42.70 38.44
N ALA H 138 33.02 -42.52 38.04
CA ALA H 138 33.77 -43.58 37.34
C ALA H 138 32.98 -44.14 36.14
N ALA H 140 33.17 -42.38 33.30
CA ALA H 140 34.11 -42.01 32.24
C ALA H 140 35.34 -42.92 32.30
N THR H 141 35.38 -43.75 33.35
CA THR H 141 36.45 -44.72 33.55
C THR H 141 35.96 -46.04 32.98
N GLU H 142 34.75 -46.44 33.38
CA GLU H 142 34.16 -47.68 32.90
C GLU H 142 33.89 -47.64 31.40
N GLU H 144 35.89 -45.92 29.34
CA GLU H 144 37.18 -45.98 28.75
C GLU H 144 37.72 -47.36 28.87
N GLU H 145 37.13 -48.20 29.70
CA GLU H 145 37.62 -49.56 29.78
C GLU H 145 37.00 -50.31 28.68
N ALA H 146 35.70 -50.15 28.55
CA ALA H 146 34.96 -50.82 27.54
C ALA H 146 35.48 -50.45 26.18
N TYR H 147 35.98 -49.27 26.00
CA TYR H 147 36.48 -48.94 24.67
C TYR H 147 37.77 -49.70 24.42
N ARG H 148 38.49 -49.97 25.50
CA ARG H 148 39.75 -50.72 25.42
C ARG H 148 39.34 -52.09 24.89
N HIS H 149 38.25 -52.61 25.44
CA HIS H 149 37.70 -53.89 25.05
C HIS H 149 37.38 -53.91 23.56
N LEU H 150 36.70 -52.86 23.11
CA LEU H 150 36.32 -52.71 21.72
C LEU H 150 37.57 -52.66 20.86
N ASP H 151 38.55 -51.87 21.29
CA ASP H 151 39.81 -51.77 20.57
C ASP H 151 40.30 -53.15 20.16
N VAL H 152 40.51 -54.00 21.16
CA VAL H 152 40.98 -55.37 20.93
C VAL H 152 40.01 -56.14 20.04
N LEU H 154 38.00 -54.89 17.66
CA LEU H 154 38.05 -54.42 16.28
C LEU H 154 39.34 -54.96 15.67
N ALA H 155 40.45 -54.79 16.38
CA ALA H 155 41.72 -55.30 15.91
C ALA H 155 41.57 -56.79 15.59
N ALA H 156 40.85 -57.50 16.47
CA ALA H 156 40.60 -58.94 16.33
C ALA H 156 39.91 -59.31 15.03
N LEU H 157 38.97 -58.46 14.60
CA LEU H 157 38.24 -58.72 13.36
C LEU H 157 39.14 -58.43 12.14
N GLU H 158 40.07 -59.34 11.88
CA GLU H 158 41.01 -59.25 10.77
C GLU H 158 41.56 -60.66 10.56
#